data_4PNW
#
_entry.id   4PNW
#
_cell.length_a   79.815
_cell.length_b   68.711
_cell.length_c   83.055
_cell.angle_alpha   90.000
_cell.angle_beta   115.720
_cell.angle_gamma   90.000
#
_symmetry.space_group_name_H-M   'P 1 21 1'
#
loop_
_entity.id
_entity.type
_entity.pdbx_description
1 polymer 'DNA polymerase III subunit beta'
2 non-polymer '(2R)-6-bromo-9-(2-{[(1S)-1-carboxy-2-phenylethyl]amino}-2-oxoethyl)-2,3,4,9-tetrahydro-1H-carbazole-2-carboxylic acid'
3 non-polymer 'CALCIUM ION'
4 non-polymer 'CHLORIDE ION'
5 non-polymer DI(HYDROXYETHYL)ETHER
6 water water
#
_entity_poly.entity_id   1
_entity_poly.type   'polypeptide(L)'
_entity_poly.pdbx_seq_one_letter_code
;MKFTVEREHLLKPLQQVSGPLGGRPTLPILGNLLLQVADGTLSLTGTDLEMEMVARVALVQPHEPGATTVPARKFFDICR
GLPEGAEIAVQLEGERMLVRSGRSRFSLSTLPAADFPNLDDWQSEVEFTLPQATMKRLIEATQFSMAHQDVRYYLNGMLF
ETEGEELRTVATDGHRLAVCSMPIGQSLPSHSVIVPRKGVIELMRMLDGGDNPLRVQIGSNNIRAHVGDFIFTSKLVDGR
FPDYRRVLPKNPDKHLEAGCDLLKQAFARAAILSNEKFRGVRLYVSENQLKITANNPEQEEAEEILDVTYSGAEMEIGFN
VSYVLDVLNALKCENVRMMLTDSVSSVQIEDAASQSAAYVVMPMRL
;
_entity_poly.pdbx_strand_id   A,B
#
# COMPACT_ATOMS: atom_id res chain seq x y z
N MET A 1 24.28 -16.78 -28.48
CA MET A 1 22.97 -16.10 -28.42
C MET A 1 23.17 -14.60 -28.43
N LYS A 2 22.47 -13.94 -29.33
CA LYS A 2 22.54 -12.50 -29.42
C LYS A 2 21.22 -11.97 -29.97
N PHE A 3 20.78 -10.85 -29.42
CA PHE A 3 19.65 -10.12 -29.96
C PHE A 3 19.70 -8.65 -29.57
N THR A 4 19.01 -7.84 -30.34
CA THR A 4 18.81 -6.44 -29.99
C THR A 4 17.36 -6.09 -30.21
N VAL A 5 16.72 -5.62 -29.15
CA VAL A 5 15.30 -5.26 -29.17
CA VAL A 5 15.30 -5.27 -29.17
C VAL A 5 15.06 -3.94 -28.45
N GLU A 6 14.02 -3.22 -28.88
CA GLU A 6 13.65 -1.95 -28.27
C GLU A 6 13.03 -2.23 -26.91
N ARG A 7 13.34 -1.39 -25.93
CA ARG A 7 12.80 -1.51 -24.58
C ARG A 7 11.30 -1.73 -24.56
N GLU A 8 10.57 -0.98 -25.40
CA GLU A 8 9.11 -1.02 -25.41
C GLU A 8 8.53 -2.30 -26.03
N HIS A 9 9.36 -3.11 -26.71
CA HIS A 9 8.94 -4.44 -27.16
C HIS A 9 9.41 -5.55 -26.20
N LEU A 10 10.19 -5.21 -25.19
CA LEU A 10 10.68 -6.18 -24.23
C LEU A 10 9.99 -6.09 -22.87
N LEU A 11 9.53 -4.89 -22.48
CA LEU A 11 9.05 -4.64 -21.12
C LEU A 11 7.81 -5.43 -20.70
N LYS A 12 6.80 -5.40 -21.55
CA LYS A 12 5.57 -6.11 -21.26
C LYS A 12 5.85 -7.61 -21.11
N PRO A 13 6.48 -8.24 -22.12
CA PRO A 13 6.84 -9.65 -21.98
C PRO A 13 7.58 -9.97 -20.68
N LEU A 14 8.58 -9.16 -20.33
CA LEU A 14 9.33 -9.38 -19.09
C LEU A 14 8.44 -9.26 -17.88
N GLN A 15 7.57 -8.26 -17.88
CA GLN A 15 6.66 -8.14 -16.77
C GLN A 15 5.72 -9.36 -16.72
N GLN A 16 5.17 -9.76 -17.86
CA GLN A 16 4.23 -10.89 -17.91
C GLN A 16 4.89 -12.15 -17.31
N VAL A 17 6.13 -12.43 -17.73
CA VAL A 17 6.77 -13.69 -17.34
C VAL A 17 7.44 -13.66 -15.96
N SER A 18 8.01 -12.51 -15.60
CA SER A 18 8.79 -12.40 -14.37
C SER A 18 7.92 -11.94 -13.21
N GLY A 19 6.91 -11.13 -13.48
CA GLY A 19 6.00 -10.65 -12.45
C GLY A 19 5.59 -11.70 -11.43
N PRO A 20 5.16 -12.89 -11.90
CA PRO A 20 4.71 -13.97 -10.99
C PRO A 20 5.76 -14.64 -10.14
N LEU A 21 7.04 -14.47 -10.47
CA LEU A 21 8.10 -15.23 -9.84
C LEU A 21 8.25 -14.99 -8.33
N GLY A 22 8.27 -13.72 -7.92
CA GLY A 22 8.37 -13.37 -6.49
C GLY A 22 9.67 -13.80 -5.82
N GLY A 23 9.82 -13.42 -4.55
CA GLY A 23 10.99 -13.78 -3.77
C GLY A 23 10.93 -15.22 -3.32
N ARG A 24 12.05 -15.77 -2.90
CA ARG A 24 12.10 -17.11 -2.37
C ARG A 24 11.95 -18.22 -3.41
N PRO A 25 12.73 -18.17 -4.51
CA PRO A 25 12.71 -19.32 -5.41
C PRO A 25 13.08 -20.61 -4.66
N THR A 26 12.41 -21.72 -4.98
CA THR A 26 12.59 -22.96 -4.24
C THR A 26 13.95 -23.62 -4.60
N LEU A 27 14.39 -23.41 -5.85
CA LEU A 27 15.72 -23.76 -6.32
C LEU A 27 16.33 -22.52 -6.98
N PRO A 28 17.66 -22.33 -6.85
CA PRO A 28 18.25 -21.08 -7.36
C PRO A 28 17.90 -20.73 -8.82
N ILE A 29 17.95 -21.68 -9.73
CA ILE A 29 17.65 -21.38 -11.14
C ILE A 29 16.22 -20.89 -11.39
N LEU A 30 15.30 -21.15 -10.47
CA LEU A 30 13.92 -20.71 -10.62
C LEU A 30 13.78 -19.20 -10.38
N GLY A 31 14.83 -18.58 -9.85
CA GLY A 31 14.92 -17.13 -9.79
C GLY A 31 15.33 -16.52 -11.13
N ASN A 32 15.72 -17.36 -12.08
CA ASN A 32 16.16 -16.88 -13.40
C ASN A 32 15.05 -17.00 -14.42
N LEU A 33 15.10 -16.13 -15.43
CA LEU A 33 14.34 -16.28 -16.67
C LEU A 33 15.18 -17.03 -17.71
N LEU A 34 14.51 -17.93 -18.43
CA LEU A 34 15.09 -18.65 -19.54
C LEU A 34 14.93 -17.80 -20.81
N LEU A 35 16.04 -17.51 -21.50
CA LEU A 35 15.99 -16.78 -22.75
C LEU A 35 16.39 -17.70 -23.87
N GLN A 36 15.63 -17.72 -24.97
CA GLN A 36 15.90 -18.61 -26.08
C GLN A 36 15.69 -17.88 -27.38
N VAL A 37 16.71 -17.85 -28.21
CA VAL A 37 16.60 -17.33 -29.57
C VAL A 37 16.60 -18.52 -30.55
N ALA A 38 15.56 -18.57 -31.38
CA ALA A 38 15.44 -19.56 -32.43
C ALA A 38 14.38 -19.08 -33.44
N ASP A 39 14.61 -19.36 -34.72
CA ASP A 39 13.63 -19.07 -35.78
C ASP A 39 13.11 -17.64 -35.74
N GLY A 40 14.01 -16.68 -35.52
CA GLY A 40 13.61 -15.27 -35.53
C GLY A 40 12.80 -14.82 -34.33
N THR A 41 12.86 -15.56 -33.24
CA THR A 41 12.04 -15.30 -32.06
C THR A 41 12.85 -15.38 -30.77
N LEU A 42 12.58 -14.43 -29.88
CA LEU A 42 13.03 -14.53 -28.49
C LEU A 42 11.88 -15.06 -27.64
N SER A 43 12.11 -16.17 -26.97
CA SER A 43 11.18 -16.67 -25.98
C SER A 43 11.73 -16.38 -24.59
N LEU A 44 10.84 -16.01 -23.67
CA LEU A 44 11.20 -15.72 -22.29
C LEU A 44 10.31 -16.59 -21.40
N THR A 45 10.92 -17.37 -20.52
CA THR A 45 10.16 -18.30 -19.69
C THR A 45 10.55 -18.15 -18.23
N GLY A 46 9.53 -18.07 -17.37
CA GLY A 46 9.68 -18.20 -15.92
C GLY A 46 8.80 -19.34 -15.44
N THR A 47 9.19 -19.95 -14.32
CA THR A 47 8.42 -21.07 -13.76
C THR A 47 8.67 -21.23 -12.28
N ASP A 48 7.75 -21.92 -11.60
CA ASP A 48 8.00 -22.41 -10.24
C ASP A 48 7.90 -23.94 -10.15
N LEU A 49 7.98 -24.59 -11.31
CA LEU A 49 7.82 -26.07 -11.49
C LEU A 49 6.37 -26.53 -11.69
N GLU A 50 5.41 -25.71 -11.28
CA GLU A 50 3.99 -26.08 -11.41
C GLU A 50 3.24 -25.18 -12.36
N MET A 51 3.51 -23.88 -12.30
CA MET A 51 3.02 -23.01 -13.35
C MET A 51 4.19 -22.46 -14.16
N GLU A 52 3.87 -22.00 -15.36
CA GLU A 52 4.90 -21.52 -16.28
C GLU A 52 4.27 -20.43 -17.12
N MET A 53 5.10 -19.44 -17.44
CA MET A 53 4.76 -18.24 -18.17
C MET A 53 5.78 -18.09 -19.31
N VAL A 54 5.28 -18.03 -20.55
CA VAL A 54 6.14 -17.95 -21.73
C VAL A 54 5.65 -16.84 -22.64
N ALA A 55 6.55 -15.90 -22.98
CA ALA A 55 6.26 -14.87 -23.94
C ALA A 55 7.22 -14.96 -25.11
N ARG A 56 6.70 -14.68 -26.31
CA ARG A 56 7.49 -14.73 -27.54
C ARG A 56 7.56 -13.31 -28.12
N VAL A 57 8.76 -12.90 -28.49
CA VAL A 57 8.99 -11.59 -29.09
C VAL A 57 9.69 -11.79 -30.44
N ALA A 58 9.13 -11.21 -31.50
CA ALA A 58 9.71 -11.33 -32.84
C ALA A 58 10.95 -10.47 -32.93
N LEU A 59 12.03 -11.03 -33.47
CA LEU A 59 13.28 -10.31 -33.61
C LEU A 59 13.44 -9.80 -35.04
N VAL A 60 13.38 -8.49 -35.20
CA VAL A 60 13.53 -7.87 -36.52
C VAL A 60 14.99 -7.50 -36.79
N GLN A 61 15.74 -7.19 -35.73
CA GLN A 61 17.16 -6.81 -35.87
C GLN A 61 18.01 -8.07 -35.86
N PRO A 62 19.28 -7.96 -36.31
CA PRO A 62 20.18 -9.10 -36.35
C PRO A 62 20.27 -9.83 -35.04
N HIS A 63 20.30 -11.14 -35.12
CA HIS A 63 20.27 -11.98 -33.94
C HIS A 63 20.96 -13.30 -34.22
N GLU A 64 21.30 -14.02 -33.17
CA GLU A 64 21.93 -15.32 -33.28
C GLU A 64 21.29 -16.28 -32.28
N PRO A 65 21.04 -17.52 -32.71
CA PRO A 65 20.32 -18.46 -31.89
C PRO A 65 21.12 -18.90 -30.67
N GLY A 66 20.41 -19.36 -29.66
CA GLY A 66 21.06 -19.85 -28.46
C GLY A 66 20.20 -19.61 -27.25
N ALA A 67 20.67 -20.09 -26.10
CA ALA A 67 19.88 -19.98 -24.88
C ALA A 67 20.77 -19.78 -23.66
N THR A 68 20.21 -19.09 -22.67
CA THR A 68 20.86 -18.92 -21.37
C THR A 68 19.78 -18.63 -20.35
N THR A 69 20.15 -18.49 -19.08
CA THR A 69 19.20 -18.02 -18.06
C THR A 69 19.89 -16.93 -17.26
N VAL A 70 19.14 -15.93 -16.84
CA VAL A 70 19.67 -14.78 -16.11
C VAL A 70 18.72 -14.43 -14.98
N PRO A 71 19.24 -13.84 -13.90
CA PRO A 71 18.37 -13.41 -12.81
C PRO A 71 17.22 -12.54 -13.31
N ALA A 72 15.99 -12.94 -12.99
CA ALA A 72 14.80 -12.35 -13.60
C ALA A 72 14.58 -10.88 -13.18
N ARG A 73 14.56 -10.64 -11.88
CA ARG A 73 14.29 -9.31 -11.33
C ARG A 73 15.36 -8.30 -11.77
N LYS A 74 16.63 -8.71 -11.72
CA LYS A 74 17.73 -7.82 -12.15
C LYS A 74 17.61 -7.42 -13.61
N PHE A 75 17.39 -8.38 -14.49
CA PHE A 75 17.24 -8.10 -15.91
C PHE A 75 16.02 -7.21 -16.16
N PHE A 76 14.89 -7.55 -15.53
CA PHE A 76 13.72 -6.69 -15.64
C PHE A 76 13.99 -5.29 -15.10
N ASP A 77 14.65 -5.17 -13.96
CA ASP A 77 14.90 -3.88 -13.34
C ASP A 77 15.84 -3.04 -14.22
N ILE A 78 16.77 -3.71 -14.89
CA ILE A 78 17.69 -3.01 -15.79
C ILE A 78 16.93 -2.49 -17.00
N CYS A 79 16.09 -3.34 -17.59
CA CYS A 79 15.33 -2.94 -18.75
C CYS A 79 14.35 -1.81 -18.44
N ARG A 80 13.70 -1.89 -17.28
CA ARG A 80 12.73 -0.86 -16.86
C ARG A 80 13.39 0.48 -16.52
N GLY A 81 14.58 0.43 -15.93
CA GLY A 81 15.32 1.64 -15.58
C GLY A 81 15.97 2.38 -16.74
N LEU A 82 16.01 1.75 -17.93
CA LEU A 82 16.56 2.39 -19.10
C LEU A 82 15.50 3.33 -19.66
N PRO A 83 15.93 4.36 -20.40
CA PRO A 83 14.97 5.34 -20.87
C PRO A 83 14.10 4.79 -22.01
N GLU A 84 12.96 5.43 -22.22
CA GLU A 84 12.08 5.12 -23.34
C GLU A 84 12.85 5.16 -24.66
N GLY A 85 12.64 4.14 -25.51
CA GLY A 85 13.31 4.07 -26.80
C GLY A 85 14.69 3.47 -26.79
N ALA A 86 15.20 3.12 -25.61
CA ALA A 86 16.48 2.43 -25.53
C ALA A 86 16.52 1.18 -26.42
N GLU A 87 17.58 1.03 -27.21
CA GLU A 87 17.86 -0.23 -27.90
C GLU A 87 18.57 -1.09 -26.88
N ILE A 88 18.07 -2.30 -26.64
CA ILE A 88 18.70 -3.19 -25.67
C ILE A 88 19.40 -4.31 -26.43
N ALA A 89 20.73 -4.27 -26.40
CA ALA A 89 21.60 -5.20 -27.12
C ALA A 89 22.14 -6.24 -26.15
N VAL A 90 21.93 -7.52 -26.46
CA VAL A 90 22.25 -8.63 -25.58
C VAL A 90 23.19 -9.64 -26.29
N GLN A 91 24.21 -10.07 -25.56
CA GLN A 91 25.26 -10.93 -26.10
C GLN A 91 25.72 -11.85 -24.97
N LEU A 92 25.83 -13.14 -25.25
CA LEU A 92 26.35 -14.09 -24.28
C LEU A 92 27.87 -14.05 -24.42
N GLU A 93 28.58 -13.96 -23.30
CA GLU A 93 30.03 -13.95 -23.32
C GLU A 93 30.49 -14.83 -22.19
N GLY A 94 30.74 -16.10 -22.49
CA GLY A 94 31.09 -17.08 -21.48
C GLY A 94 29.92 -17.35 -20.56
N GLU A 95 30.17 -17.30 -19.25
CA GLU A 95 29.12 -17.53 -18.26
C GLU A 95 28.49 -16.18 -17.83
N ARG A 96 28.64 -15.15 -18.64
CA ARG A 96 28.00 -13.87 -18.34
C ARG A 96 27.15 -13.45 -19.54
N MET A 97 26.06 -12.73 -19.27
CA MET A 97 25.25 -12.14 -20.33
C MET A 97 25.44 -10.66 -20.27
N LEU A 98 25.86 -10.10 -21.40
CA LEU A 98 26.14 -8.70 -21.55
C LEU A 98 24.88 -7.97 -22.02
N VAL A 99 24.57 -6.87 -21.36
CA VAL A 99 23.44 -6.03 -21.74
C VAL A 99 23.96 -4.61 -21.94
N ARG A 100 23.68 -4.03 -23.11
CA ARG A 100 24.24 -2.72 -23.49
C ARG A 100 23.12 -1.89 -24.06
N SER A 101 23.06 -0.64 -23.63
CA SER A 101 22.14 0.34 -24.18
C SER A 101 22.73 1.74 -23.97
N GLY A 102 22.88 2.50 -25.06
CA GLY A 102 23.51 3.84 -24.98
C GLY A 102 24.88 3.71 -24.34
N ARG A 103 25.14 4.47 -23.27
CA ARG A 103 26.37 4.28 -22.50
C ARG A 103 26.08 3.64 -21.14
N SER A 104 25.10 2.72 -21.12
CA SER A 104 24.81 1.92 -19.95
C SER A 104 25.25 0.52 -20.31
N ARG A 105 26.03 -0.12 -19.45
CA ARG A 105 26.52 -1.47 -19.77
C ARG A 105 26.45 -2.35 -18.55
N PHE A 106 25.97 -3.59 -18.74
CA PHE A 106 25.75 -4.50 -17.64
C PHE A 106 26.22 -5.90 -17.98
N SER A 107 26.66 -6.61 -16.96
CA SER A 107 27.11 -7.98 -17.12
C SER A 107 26.40 -8.76 -16.04
N LEU A 108 25.52 -9.68 -16.44
CA LEU A 108 24.77 -10.52 -15.51
C LEU A 108 25.36 -11.93 -15.47
N SER A 109 25.22 -12.60 -14.31
CA SER A 109 25.63 -14.00 -14.19
C SER A 109 24.58 -14.87 -14.86
N THR A 110 24.96 -16.06 -15.29
CA THR A 110 24.03 -16.98 -15.94
C THR A 110 24.01 -18.33 -15.26
N LEU A 111 22.97 -19.09 -15.54
CA LEU A 111 22.98 -20.52 -15.28
C LEU A 111 22.59 -21.19 -16.58
N PRO A 112 23.14 -22.39 -16.85
CA PRO A 112 22.94 -22.92 -18.21
C PRO A 112 21.47 -23.21 -18.53
N ALA A 113 21.04 -22.89 -19.74
CA ALA A 113 19.66 -23.14 -20.14
C ALA A 113 19.33 -24.62 -20.11
N ALA A 114 20.33 -25.44 -20.41
CA ALA A 114 20.20 -26.90 -20.37
C ALA A 114 19.76 -27.38 -19.00
N ASP A 115 20.06 -26.60 -17.95
CA ASP A 115 19.63 -26.96 -16.61
C ASP A 115 18.28 -26.38 -16.22
N PHE A 116 17.62 -25.61 -17.08
CA PHE A 116 16.36 -24.99 -16.69
C PHE A 116 15.26 -26.05 -16.74
N PRO A 117 14.45 -26.15 -15.68
CA PRO A 117 13.42 -27.20 -15.71
C PRO A 117 12.48 -26.99 -16.89
N ASN A 118 12.35 -28.02 -17.72
CA ASN A 118 11.41 -28.04 -18.83
C ASN A 118 10.18 -28.86 -18.44
N LEU A 119 9.01 -28.24 -18.34
CA LEU A 119 7.78 -28.98 -17.96
C LEU A 119 7.31 -29.86 -19.12
N ASP A 120 6.79 -31.04 -18.80
CA ASP A 120 6.41 -32.02 -19.81
C ASP A 120 5.28 -31.52 -20.69
N ASP A 121 5.33 -31.89 -21.98
CA ASP A 121 4.23 -31.66 -22.89
C ASP A 121 3.01 -32.40 -22.32
N TRP A 122 1.81 -31.89 -22.54
CA TRP A 122 0.58 -32.59 -22.18
C TRP A 122 -0.50 -32.33 -23.24
N GLN A 123 -1.53 -33.15 -23.24
CA GLN A 123 -2.53 -33.11 -24.31
C GLN A 123 -3.79 -32.34 -23.94
N SER A 124 -4.21 -31.43 -24.81
CA SER A 124 -5.47 -30.71 -24.67
C SER A 124 -6.66 -31.66 -24.81
N GLU A 125 -7.65 -31.53 -23.93
CA GLU A 125 -8.91 -32.31 -24.02
C GLU A 125 -10.17 -31.45 -24.19
N VAL A 126 -10.12 -30.19 -23.75
CA VAL A 126 -11.21 -29.24 -23.92
C VAL A 126 -10.65 -27.88 -24.27
N GLU A 127 -11.19 -27.26 -25.31
CA GLU A 127 -10.70 -25.98 -25.77
C GLU A 127 -11.85 -25.04 -26.05
N PHE A 128 -11.66 -23.79 -25.71
CA PHE A 128 -12.62 -22.75 -26.03
C PHE A 128 -11.92 -21.42 -25.96
N THR A 129 -12.54 -20.40 -26.55
CA THR A 129 -12.07 -19.03 -26.47
C THR A 129 -13.11 -18.19 -25.76
N LEU A 130 -12.70 -17.05 -25.20
CA LEU A 130 -13.64 -16.09 -24.61
C LEU A 130 -13.01 -14.72 -24.48
N PRO A 131 -13.83 -13.68 -24.41
CA PRO A 131 -13.26 -12.37 -24.17
C PRO A 131 -12.57 -12.27 -22.80
N GLN A 132 -11.55 -11.42 -22.70
CA GLN A 132 -10.86 -11.18 -21.43
C GLN A 132 -11.82 -10.64 -20.37
N ALA A 133 -12.69 -9.72 -20.78
CA ALA A 133 -13.67 -9.14 -19.87
C ALA A 133 -14.52 -10.22 -19.20
N THR A 134 -14.83 -11.29 -19.93
CA THR A 134 -15.60 -12.40 -19.39
C THR A 134 -14.85 -13.17 -18.33
N MET A 135 -13.58 -13.48 -18.60
CA MET A 135 -12.76 -14.19 -17.62
C MET A 135 -12.60 -13.39 -16.34
N LYS A 136 -12.32 -12.09 -16.49
CA LYS A 136 -12.24 -11.13 -15.40
C LYS A 136 -13.50 -11.14 -14.55
N ARG A 137 -14.66 -11.06 -15.20
CA ARG A 137 -15.94 -11.11 -14.51
C ARG A 137 -16.12 -12.41 -13.72
N LEU A 138 -15.88 -13.54 -14.36
CA LEU A 138 -16.02 -14.84 -13.71
C LEU A 138 -15.14 -14.99 -12.45
N ILE A 139 -13.89 -14.53 -12.51
CA ILE A 139 -12.95 -14.68 -11.41
C ILE A 139 -13.30 -13.72 -10.26
N GLU A 140 -13.46 -12.42 -10.57
CA GLU A 140 -13.85 -11.41 -9.57
C GLU A 140 -15.16 -11.73 -8.85
N ALA A 141 -16.08 -12.34 -9.57
CA ALA A 141 -17.37 -12.69 -9.02
C ALA A 141 -17.26 -13.67 -7.86
N THR A 142 -16.24 -14.53 -7.89
CA THR A 142 -16.18 -15.69 -7.00
C THR A 142 -14.92 -15.87 -6.16
N GLN A 143 -13.83 -15.20 -6.55
CA GLN A 143 -12.51 -15.45 -5.97
C GLN A 143 -12.47 -15.32 -4.44
N PHE A 144 -13.18 -14.33 -3.91
CA PHE A 144 -13.17 -14.06 -2.48
C PHE A 144 -13.74 -15.20 -1.64
N SER A 145 -14.50 -16.11 -2.26
CA SER A 145 -15.11 -17.21 -1.51
C SER A 145 -14.24 -18.46 -1.47
N MET A 146 -13.05 -18.39 -2.06
CA MET A 146 -12.12 -19.50 -2.00
C MET A 146 -11.62 -19.67 -0.56
N ALA A 147 -11.43 -20.92 -0.12
CA ALA A 147 -10.80 -21.16 1.17
C ALA A 147 -9.36 -20.65 1.18
N HIS A 148 -8.84 -20.43 2.39
CA HIS A 148 -7.46 -19.99 2.58
C HIS A 148 -6.70 -21.07 3.32
N GLN A 149 -5.85 -21.80 2.60
CA GLN A 149 -4.96 -22.81 3.19
C GLN A 149 -5.71 -23.82 4.06
N ASP A 150 -6.90 -24.20 3.60
CA ASP A 150 -7.70 -25.23 4.25
C ASP A 150 -7.03 -26.58 4.02
N VAL A 151 -7.15 -27.49 4.98
CA VAL A 151 -6.63 -28.84 4.82
C VAL A 151 -7.36 -29.57 3.70
N ARG A 152 -8.63 -29.19 3.45
CA ARG A 152 -9.33 -29.66 2.25
C ARG A 152 -8.79 -28.83 1.09
N TYR A 153 -7.67 -29.30 0.57
CA TYR A 153 -6.90 -28.62 -0.46
CA TYR A 153 -6.90 -28.60 -0.46
C TYR A 153 -7.77 -28.22 -1.66
N TYR A 154 -8.78 -29.03 -1.96
CA TYR A 154 -9.68 -28.74 -3.08
C TYR A 154 -10.49 -27.45 -2.92
N LEU A 155 -10.71 -26.98 -1.70
CA LEU A 155 -11.44 -25.71 -1.50
C LEU A 155 -10.56 -24.48 -1.63
N ASN A 156 -9.24 -24.66 -1.69
CA ASN A 156 -8.34 -23.53 -1.86
C ASN A 156 -8.21 -23.03 -3.32
N GLY A 157 -8.86 -23.72 -4.25
CA GLY A 157 -8.90 -23.30 -5.62
C GLY A 157 -10.29 -22.84 -6.06
N MET A 158 -10.42 -22.69 -7.38
CA MET A 158 -11.67 -22.25 -8.01
C MET A 158 -12.05 -23.25 -9.08
N LEU A 159 -13.30 -23.72 -9.04
CA LEU A 159 -13.81 -24.61 -10.05
C LEU A 159 -14.08 -23.83 -11.34
N PHE A 160 -13.66 -24.37 -12.46
CA PHE A 160 -14.03 -23.87 -13.76
C PHE A 160 -14.84 -24.96 -14.43
N GLU A 161 -16.08 -24.65 -14.76
CA GLU A 161 -16.98 -25.64 -15.29
C GLU A 161 -17.54 -25.18 -16.63
N THR A 162 -17.52 -26.10 -17.60
CA THR A 162 -18.12 -25.86 -18.90
C THR A 162 -19.45 -26.60 -18.91
N GLU A 163 -20.53 -25.91 -19.27
CA GLU A 163 -21.85 -26.57 -19.40
C GLU A 163 -22.67 -25.84 -20.44
N GLY A 164 -23.11 -26.55 -21.48
CA GLY A 164 -23.82 -25.93 -22.60
C GLY A 164 -22.92 -24.96 -23.34
N GLU A 165 -23.35 -23.71 -23.41
CA GLU A 165 -22.55 -22.64 -24.01
C GLU A 165 -21.98 -21.68 -22.94
N GLU A 166 -21.95 -22.14 -21.69
CA GLU A 166 -21.50 -21.31 -20.57
C GLU A 166 -20.22 -21.81 -19.92
N LEU A 167 -19.38 -20.86 -19.52
CA LEU A 167 -18.26 -21.12 -18.60
C LEU A 167 -18.71 -20.62 -17.22
N ARG A 168 -18.45 -21.44 -16.20
CA ARG A 168 -18.88 -21.15 -14.85
C ARG A 168 -17.71 -21.28 -13.87
N THR A 169 -17.66 -20.35 -12.92
CA THR A 169 -16.77 -20.48 -11.78
C THR A 169 -17.56 -20.72 -10.50
N VAL A 170 -16.97 -21.51 -9.61
CA VAL A 170 -17.53 -21.74 -8.29
C VAL A 170 -16.40 -21.68 -7.28
N ALA A 171 -16.68 -21.06 -6.13
CA ALA A 171 -15.72 -21.04 -5.03
C ALA A 171 -16.46 -21.11 -3.71
N THR A 172 -15.91 -21.87 -2.77
CA THR A 172 -16.50 -22.04 -1.45
C THR A 172 -15.43 -22.44 -0.42
N ASP A 173 -15.64 -22.01 0.82
CA ASP A 173 -14.72 -22.33 1.91
C ASP A 173 -15.38 -23.23 2.97
N GLY A 174 -16.55 -23.78 2.65
CA GLY A 174 -17.32 -24.60 3.59
C GLY A 174 -18.38 -23.81 4.39
N HIS A 175 -18.32 -22.49 4.33
CA HIS A 175 -19.26 -21.64 5.05
C HIS A 175 -20.07 -20.77 4.10
N ARG A 176 -19.41 -20.30 3.05
CA ARG A 176 -20.13 -19.51 2.04
C ARG A 176 -19.71 -19.94 0.65
N LEU A 177 -20.57 -19.64 -0.32
CA LEU A 177 -20.33 -20.07 -1.70
C LEU A 177 -20.66 -18.95 -2.69
N ALA A 178 -19.87 -18.89 -3.76
CA ALA A 178 -20.09 -17.96 -4.86
C ALA A 178 -20.10 -18.73 -6.18
N VAL A 179 -21.04 -18.42 -7.06
CA VAL A 179 -21.11 -19.04 -8.37
C VAL A 179 -21.47 -17.98 -9.41
N CYS A 180 -20.74 -17.99 -10.51
CA CYS A 180 -20.98 -17.10 -11.62
C CYS A 180 -20.94 -17.89 -12.93
N SER A 181 -21.91 -17.64 -13.82
CA SER A 181 -22.04 -18.29 -15.14
C SER A 181 -22.15 -17.23 -16.23
N MET A 182 -21.44 -17.43 -17.35
CA MET A 182 -21.45 -16.48 -18.45
C MET A 182 -21.44 -17.23 -19.80
N PRO A 183 -22.33 -16.82 -20.73
CA PRO A 183 -22.37 -17.51 -22.03
C PRO A 183 -21.16 -17.11 -22.85
N ILE A 184 -20.61 -18.06 -23.62
CA ILE A 184 -19.48 -17.75 -24.51
C ILE A 184 -19.67 -18.22 -25.96
N GLY A 185 -20.88 -18.69 -26.32
CA GLY A 185 -21.24 -18.87 -27.72
C GLY A 185 -20.66 -20.09 -28.44
N GLN A 186 -20.18 -21.06 -27.68
CA GLN A 186 -19.64 -22.29 -28.23
C GLN A 186 -20.29 -23.44 -27.52
N SER A 187 -20.60 -24.51 -28.25
CA SER A 187 -21.15 -25.72 -27.64
C SER A 187 -20.01 -26.45 -26.94
N LEU A 188 -20.09 -26.52 -25.62
CA LEU A 188 -19.00 -27.04 -24.83
C LEU A 188 -19.36 -28.41 -24.29
N PRO A 189 -18.37 -29.29 -24.18
CA PRO A 189 -18.61 -30.54 -23.47
C PRO A 189 -18.76 -30.25 -22.00
N SER A 190 -19.46 -31.11 -21.28
CA SER A 190 -19.64 -30.90 -19.87
C SER A 190 -18.41 -31.40 -19.11
N HIS A 191 -17.80 -30.51 -18.35
CA HIS A 191 -16.51 -30.77 -17.76
C HIS A 191 -16.23 -29.77 -16.65
N SER A 192 -15.43 -30.16 -15.68
CA SER A 192 -15.05 -29.23 -14.63
C SER A 192 -13.69 -29.56 -14.07
N VAL A 193 -12.94 -28.52 -13.73
CA VAL A 193 -11.62 -28.67 -13.15
C VAL A 193 -11.43 -27.65 -12.04
N ILE A 194 -10.47 -27.91 -11.16
CA ILE A 194 -10.12 -27.03 -10.07
C ILE A 194 -8.77 -26.38 -10.36
N VAL A 195 -8.75 -25.05 -10.39
CA VAL A 195 -7.54 -24.29 -10.63
C VAL A 195 -7.07 -23.78 -9.27
N PRO A 196 -5.78 -23.96 -8.97
CA PRO A 196 -5.30 -23.60 -7.66
C PRO A 196 -5.18 -22.08 -7.48
N ARG A 197 -5.19 -21.63 -6.23
CA ARG A 197 -5.20 -20.19 -5.91
C ARG A 197 -4.18 -19.45 -6.75
N LYS A 198 -2.94 -19.91 -6.75
CA LYS A 198 -1.89 -19.22 -7.50
C LYS A 198 -2.18 -19.17 -9.01
N GLY A 199 -2.79 -20.22 -9.56
CA GLY A 199 -3.20 -20.23 -10.96
C GLY A 199 -4.27 -19.19 -11.27
N VAL A 200 -5.22 -19.03 -10.36
CA VAL A 200 -6.28 -18.01 -10.49
C VAL A 200 -5.70 -16.59 -10.50
N ILE A 201 -4.76 -16.34 -9.59
CA ILE A 201 -4.09 -15.05 -9.53
C ILE A 201 -3.44 -14.70 -10.86
N GLU A 202 -2.74 -15.67 -11.46
CA GLU A 202 -2.03 -15.43 -12.73
CA GLU A 202 -2.03 -15.42 -12.72
C GLU A 202 -3.00 -15.26 -13.91
N LEU A 203 -4.09 -16.04 -13.91
CA LEU A 203 -5.13 -15.92 -14.92
C LEU A 203 -5.65 -14.49 -14.94
N MET A 204 -5.91 -13.95 -13.75
CA MET A 204 -6.35 -12.57 -13.61
C MET A 204 -5.25 -11.59 -14.05
N ARG A 205 -4.03 -11.81 -13.58
CA ARG A 205 -2.92 -10.90 -13.86
C ARG A 205 -2.62 -10.78 -15.34
N MET A 206 -2.72 -11.88 -16.09
CA MET A 206 -2.39 -11.85 -17.53
C MET A 206 -3.39 -11.10 -18.38
N LEU A 207 -4.55 -10.77 -17.81
CA LEU A 207 -5.55 -9.98 -18.51
C LEU A 207 -5.07 -8.51 -18.61
N ASP A 208 -5.23 -7.91 -19.78
CA ASP A 208 -4.80 -6.53 -20.00
C ASP A 208 -5.91 -5.61 -20.53
N GLY A 209 -7.13 -6.15 -20.66
CA GLY A 209 -8.23 -5.37 -21.20
C GLY A 209 -7.90 -4.75 -22.56
N GLY A 210 -7.31 -5.55 -23.44
CA GLY A 210 -7.16 -5.18 -24.86
C GLY A 210 -8.10 -6.01 -25.70
N ASP A 211 -7.97 -5.93 -27.01
CA ASP A 211 -8.85 -6.64 -27.93
C ASP A 211 -8.51 -8.14 -28.04
N ASN A 212 -7.31 -8.54 -27.61
CA ASN A 212 -6.90 -9.93 -27.73
C ASN A 212 -7.85 -10.85 -26.98
N PRO A 213 -8.44 -11.83 -27.67
CA PRO A 213 -9.25 -12.80 -26.96
C PRO A 213 -8.38 -13.77 -26.17
N LEU A 214 -9.02 -14.50 -25.26
CA LEU A 214 -8.34 -15.44 -24.40
C LEU A 214 -8.64 -16.82 -24.93
N ARG A 215 -7.61 -17.62 -25.16
CA ARG A 215 -7.79 -18.98 -25.66
C ARG A 215 -7.38 -19.98 -24.59
N VAL A 216 -8.32 -20.83 -24.21
CA VAL A 216 -8.13 -21.74 -23.08
C VAL A 216 -8.06 -23.17 -23.57
N GLN A 217 -7.10 -23.93 -23.02
CA GLN A 217 -6.99 -25.36 -23.28
C GLN A 217 -6.88 -26.08 -21.95
N ILE A 218 -7.76 -27.05 -21.71
CA ILE A 218 -7.75 -27.83 -20.49
C ILE A 218 -7.33 -29.25 -20.79
N GLY A 219 -6.33 -29.73 -20.05
CA GLY A 219 -5.88 -31.12 -20.11
C GLY A 219 -6.38 -31.89 -18.90
N SER A 220 -5.87 -33.08 -18.69
CA SER A 220 -6.33 -33.87 -17.54
C SER A 220 -5.76 -33.33 -16.20
N ASN A 221 -4.56 -32.77 -16.24
CA ASN A 221 -3.89 -32.31 -15.01
C ASN A 221 -3.31 -30.89 -15.13
N ASN A 222 -3.67 -30.19 -16.21
CA ASN A 222 -3.18 -28.83 -16.44
C ASN A 222 -4.17 -28.00 -17.24
N ILE A 223 -3.92 -26.70 -17.20
CA ILE A 223 -4.67 -25.76 -17.99
C ILE A 223 -3.70 -24.76 -18.59
N ARG A 224 -4.03 -24.25 -19.77
CA ARG A 224 -3.25 -23.24 -20.44
C ARG A 224 -4.17 -22.14 -20.93
N ALA A 225 -3.71 -20.90 -20.82
CA ALA A 225 -4.38 -19.73 -21.39
C ALA A 225 -3.41 -18.95 -22.27
N HIS A 226 -3.85 -18.62 -23.49
CA HIS A 226 -3.06 -17.79 -24.42
C HIS A 226 -3.75 -16.45 -24.56
N VAL A 227 -3.00 -15.36 -24.42
CA VAL A 227 -3.48 -14.05 -24.82
C VAL A 227 -2.34 -13.40 -25.59
N GLY A 228 -2.59 -13.06 -26.86
CA GLY A 228 -1.55 -12.52 -27.74
C GLY A 228 -0.40 -13.50 -27.78
N ASP A 229 0.82 -13.01 -27.60
CA ASP A 229 2.01 -13.84 -27.61
C ASP A 229 2.48 -14.23 -26.19
N PHE A 230 1.51 -14.46 -25.29
CA PHE A 230 1.78 -14.87 -23.94
C PHE A 230 0.98 -16.13 -23.61
N ILE A 231 1.63 -17.08 -22.94
CA ILE A 231 1.05 -18.37 -22.59
C ILE A 231 1.32 -18.59 -21.11
N PHE A 232 0.24 -18.88 -20.39
CA PHE A 232 0.32 -19.25 -19.00
C PHE A 232 -0.20 -20.67 -18.84
N THR A 233 0.55 -21.51 -18.13
CA THR A 233 0.14 -22.88 -17.85
C THR A 233 0.19 -23.10 -16.35
N SER A 234 -0.81 -23.82 -15.84
CA SER A 234 -0.88 -24.18 -14.43
C SER A 234 -1.29 -25.63 -14.30
N LYS A 235 -0.76 -26.28 -13.28
CA LYS A 235 -1.32 -27.54 -12.81
C LYS A 235 -2.74 -27.32 -12.35
N LEU A 236 -3.52 -28.40 -12.38
CA LEU A 236 -4.84 -28.44 -11.78
C LEU A 236 -4.77 -29.09 -10.42
N VAL A 237 -5.82 -28.91 -9.62
CA VAL A 237 -5.88 -29.53 -8.31
C VAL A 237 -6.64 -30.82 -8.48
N ASP A 238 -6.00 -31.91 -8.10
CA ASP A 238 -6.57 -33.23 -8.30
C ASP A 238 -7.43 -33.55 -7.10
N GLY A 239 -8.73 -33.31 -7.23
CA GLY A 239 -9.67 -33.54 -6.12
C GLY A 239 -11.13 -33.45 -6.56
N ARG A 240 -12.04 -33.61 -5.61
CA ARG A 240 -13.48 -33.59 -5.88
C ARG A 240 -14.11 -32.35 -5.24
N PHE A 241 -14.71 -31.50 -6.08
CA PHE A 241 -15.27 -30.23 -5.65
C PHE A 241 -16.74 -30.39 -5.31
N PRO A 242 -17.24 -29.59 -4.34
CA PRO A 242 -18.67 -29.63 -4.05
C PRO A 242 -19.57 -29.26 -5.23
N ASP A 243 -20.80 -29.75 -5.21
CA ASP A 243 -21.80 -29.45 -6.22
C ASP A 243 -22.63 -28.24 -5.77
N TYR A 244 -22.43 -27.09 -6.40
CA TYR A 244 -23.15 -25.87 -6.04
C TYR A 244 -24.69 -26.05 -6.08
N ARG A 245 -25.17 -26.90 -6.98
CA ARG A 245 -26.61 -27.14 -7.11
C ARG A 245 -27.21 -27.72 -5.80
N ARG A 246 -26.40 -28.38 -4.98
CA ARG A 246 -26.85 -28.92 -3.69
C ARG A 246 -26.92 -27.87 -2.58
N VAL A 247 -26.23 -26.75 -2.80
CA VAL A 247 -26.07 -25.72 -1.79
C VAL A 247 -27.09 -24.59 -1.97
N LEU A 248 -27.57 -24.37 -3.20
CA LEU A 248 -28.52 -23.28 -3.44
C LEU A 248 -29.80 -23.60 -2.70
N PRO A 249 -30.36 -22.62 -1.95
CA PRO A 249 -31.65 -22.90 -1.30
C PRO A 249 -32.68 -23.40 -2.29
N LYS A 250 -33.32 -24.53 -1.99
CA LYS A 250 -34.26 -25.17 -2.91
C LYS A 250 -35.54 -24.36 -3.08
N ASN A 251 -35.94 -23.63 -2.05
CA ASN A 251 -37.25 -23.02 -2.05
C ASN A 251 -37.28 -21.74 -1.20
N PRO A 252 -36.51 -20.70 -1.58
CA PRO A 252 -36.39 -19.50 -0.78
C PRO A 252 -37.57 -18.54 -0.91
N ASP A 253 -38.66 -18.83 -0.19
CA ASP A 253 -39.93 -18.12 -0.37
C ASP A 253 -39.91 -16.60 -0.12
N LYS A 254 -39.01 -16.12 0.73
CA LYS A 254 -39.03 -14.72 1.14
C LYS A 254 -37.99 -13.90 0.40
N HIS A 255 -38.44 -12.94 -0.43
CA HIS A 255 -37.55 -12.09 -1.22
CA HIS A 255 -37.52 -12.11 -1.19
C HIS A 255 -37.55 -10.68 -0.66
N LEU A 256 -36.36 -10.15 -0.41
CA LEU A 256 -36.14 -8.82 0.13
C LEU A 256 -35.23 -8.12 -0.87
N GLU A 257 -35.62 -6.93 -1.32
CA GLU A 257 -34.74 -6.12 -2.19
C GLU A 257 -34.31 -4.84 -1.48
N ALA A 258 -33.09 -4.40 -1.76
CA ALA A 258 -32.55 -3.22 -1.12
C ALA A 258 -31.44 -2.57 -1.95
N GLY A 259 -31.26 -1.26 -1.78
CA GLY A 259 -30.10 -0.55 -2.29
C GLY A 259 -28.85 -1.22 -1.76
N CYS A 260 -27.94 -1.57 -2.65
CA CYS A 260 -26.73 -2.30 -2.29
C CYS A 260 -25.82 -1.48 -1.38
N ASP A 261 -25.57 -0.24 -1.77
CA ASP A 261 -24.72 0.66 -0.99
CA ASP A 261 -24.72 0.65 -0.99
C ASP A 261 -25.35 0.94 0.37
N LEU A 262 -26.67 1.18 0.40
CA LEU A 262 -27.31 1.43 1.70
C LEU A 262 -27.17 0.23 2.62
N LEU A 263 -27.38 -0.96 2.08
CA LEU A 263 -27.34 -2.17 2.87
C LEU A 263 -25.92 -2.41 3.38
N LYS A 264 -24.96 -2.22 2.49
CA LYS A 264 -23.55 -2.42 2.76
C LYS A 264 -23.08 -1.48 3.88
N GLN A 265 -23.40 -0.19 3.78
CA GLN A 265 -22.99 0.75 4.80
C GLN A 265 -23.64 0.50 6.14
N ALA A 266 -24.89 0.05 6.14
CA ALA A 266 -25.55 -0.29 7.38
C ALA A 266 -24.84 -1.49 8.05
N PHE A 267 -24.60 -2.56 7.28
CA PHE A 267 -23.87 -3.72 7.79
C PHE A 267 -22.48 -3.33 8.25
N ALA A 268 -21.80 -2.49 7.47
CA ALA A 268 -20.43 -2.09 7.81
C ALA A 268 -20.41 -1.32 9.14
N ARG A 269 -21.38 -0.45 9.36
CA ARG A 269 -21.46 0.28 10.64
C ARG A 269 -21.78 -0.66 11.82
N ALA A 270 -22.77 -1.52 11.65
CA ALA A 270 -23.15 -2.46 12.70
C ALA A 270 -21.99 -3.40 13.05
N ALA A 271 -21.20 -3.75 12.05
CA ALA A 271 -20.06 -4.68 12.22
C ALA A 271 -19.05 -4.17 13.23
N ILE A 272 -18.94 -2.85 13.38
CA ILE A 272 -17.99 -2.25 14.30
C ILE A 272 -18.18 -2.72 15.74
N LEU A 273 -19.43 -3.00 16.11
CA LEU A 273 -19.76 -3.44 17.46
C LEU A 273 -20.21 -4.92 17.52
N SER A 274 -19.87 -5.67 16.48
CA SER A 274 -20.05 -7.12 16.46
C SER A 274 -18.88 -7.78 17.19
N ASN A 275 -19.11 -9.00 17.66
CA ASN A 275 -18.06 -9.84 18.25
C ASN A 275 -16.86 -9.92 17.32
N GLU A 276 -15.67 -9.58 17.80
CA GLU A 276 -14.50 -9.52 16.92
C GLU A 276 -14.08 -10.88 16.36
N LYS A 277 -14.40 -11.95 17.08
CA LYS A 277 -14.08 -13.31 16.61
C LYS A 277 -15.19 -13.88 15.72
N PHE A 278 -16.44 -13.71 16.14
CA PHE A 278 -17.56 -14.40 15.47
C PHE A 278 -18.39 -13.50 14.52
N ARG A 279 -18.29 -12.19 14.71
CA ARG A 279 -18.86 -11.24 13.78
C ARG A 279 -20.35 -11.43 13.50
N GLY A 280 -21.08 -11.92 14.49
CA GLY A 280 -22.51 -12.14 14.33
C GLY A 280 -23.30 -10.85 14.35
N VAL A 281 -24.24 -10.73 13.41
CA VAL A 281 -25.26 -9.69 13.39
C VAL A 281 -26.61 -10.37 13.18
N ARG A 282 -27.68 -9.78 13.70
CA ARG A 282 -29.02 -10.30 13.48
C ARG A 282 -29.79 -9.39 12.56
N LEU A 283 -30.61 -10.00 11.72
CA LEU A 283 -31.51 -9.29 10.84
C LEU A 283 -32.92 -9.56 11.33
N TYR A 284 -33.72 -8.50 11.40
CA TYR A 284 -35.14 -8.66 11.66
C TYR A 284 -35.84 -8.08 10.45
N VAL A 285 -36.56 -8.93 9.73
CA VAL A 285 -37.27 -8.49 8.53
C VAL A 285 -38.77 -8.33 8.83
N SER A 286 -39.33 -7.22 8.35
CA SER A 286 -40.75 -6.95 8.47
C SER A 286 -41.15 -6.07 7.29
N GLU A 287 -42.41 -5.65 7.27
CA GLU A 287 -42.95 -4.98 6.09
C GLU A 287 -42.11 -3.77 5.69
N ASN A 288 -41.55 -3.88 4.48
CA ASN A 288 -40.64 -2.88 3.93
C ASN A 288 -39.63 -2.33 4.93
N GLN A 289 -39.16 -3.19 5.82
CA GLN A 289 -38.20 -2.79 6.82
C GLN A 289 -37.18 -3.90 7.11
N LEU A 290 -35.92 -3.49 7.28
CA LEU A 290 -34.87 -4.35 7.80
C LEU A 290 -34.22 -3.66 8.98
N LYS A 291 -34.16 -4.39 10.10
CA LYS A 291 -33.41 -3.93 11.27
C LYS A 291 -32.21 -4.86 11.43
N ILE A 292 -31.03 -4.26 11.62
CA ILE A 292 -29.78 -4.99 11.84
C ILE A 292 -29.25 -4.65 13.23
N THR A 293 -28.91 -5.64 14.03
CA THR A 293 -28.32 -5.39 15.35
C THR A 293 -27.05 -6.15 15.52
N ALA A 294 -26.14 -5.57 16.28
CA ALA A 294 -24.86 -6.16 16.59
C ALA A 294 -24.57 -5.83 18.06
N ASN A 295 -24.00 -6.80 18.78
CA ASN A 295 -23.46 -6.53 20.10
C ASN A 295 -22.23 -7.39 20.37
N ASN A 296 -21.41 -6.95 21.31
CA ASN A 296 -20.15 -7.61 21.59
C ASN A 296 -20.08 -7.90 23.07
N PRO A 297 -19.01 -8.59 23.52
CA PRO A 297 -19.00 -9.01 24.93
C PRO A 297 -18.90 -7.84 25.93
N GLU A 298 -18.39 -6.69 25.51
CA GLU A 298 -18.31 -5.52 26.40
C GLU A 298 -19.65 -4.77 26.48
N GLN A 299 -20.71 -5.39 25.97
CA GLN A 299 -22.07 -4.84 26.04
C GLN A 299 -22.25 -3.58 25.18
N GLU A 300 -21.40 -3.43 24.17
CA GLU A 300 -21.61 -2.37 23.18
C GLU A 300 -22.65 -2.90 22.20
N GLU A 301 -23.40 -2.00 21.59
CA GLU A 301 -24.52 -2.39 20.75
C GLU A 301 -24.69 -1.42 19.61
N ALA A 302 -24.99 -1.94 18.43
CA ALA A 302 -25.35 -1.14 17.28
C ALA A 302 -26.72 -1.53 16.77
N GLU A 303 -27.42 -0.58 16.18
CA GLU A 303 -28.67 -0.89 15.52
C GLU A 303 -28.86 0.00 14.31
N GLU A 304 -29.32 -0.62 13.22
CA GLU A 304 -29.58 0.06 11.97
C GLU A 304 -30.97 -0.35 11.48
N ILE A 305 -31.76 0.63 11.05
CA ILE A 305 -33.06 0.37 10.46
C ILE A 305 -33.06 0.97 9.06
N LEU A 306 -33.51 0.19 8.09
CA LEU A 306 -33.54 0.58 6.67
C LEU A 306 -34.92 0.37 6.06
N ASP A 307 -35.35 1.28 5.20
CA ASP A 307 -36.44 1.02 4.27
C ASP A 307 -35.95 0.12 3.15
N VAL A 308 -36.64 -1.01 3.00
CA VAL A 308 -36.32 -1.99 1.97
C VAL A 308 -37.63 -2.47 1.36
N THR A 309 -37.53 -3.27 0.32
CA THR A 309 -38.73 -3.82 -0.31
C THR A 309 -38.91 -5.24 0.19
N TYR A 310 -39.97 -5.43 0.98
CA TYR A 310 -40.31 -6.72 1.52
C TYR A 310 -41.77 -6.82 1.97
N SER A 311 -42.48 -7.79 1.39
CA SER A 311 -43.77 -8.23 1.87
CA SER A 311 -43.78 -8.23 1.87
C SER A 311 -43.68 -9.73 2.08
N GLY A 312 -44.06 -10.20 3.26
CA GLY A 312 -43.86 -11.60 3.61
C GLY A 312 -43.90 -11.73 5.10
N ALA A 313 -43.79 -12.95 5.60
CA ALA A 313 -43.80 -13.17 7.03
C ALA A 313 -42.57 -12.54 7.65
N GLU A 314 -42.73 -12.04 8.88
CA GLU A 314 -41.62 -11.54 9.64
C GLU A 314 -40.74 -12.70 10.07
N MET A 315 -39.43 -12.50 10.04
CA MET A 315 -38.47 -13.48 10.51
C MET A 315 -37.20 -12.78 11.01
N GLU A 316 -36.40 -13.54 11.75
CA GLU A 316 -35.12 -13.11 12.28
C GLU A 316 -34.11 -14.13 11.80
N ILE A 317 -32.87 -13.71 11.55
CA ILE A 317 -31.79 -14.62 11.16
C ILE A 317 -30.41 -14.00 11.42
N GLY A 318 -29.45 -14.83 11.85
CA GLY A 318 -28.11 -14.36 12.20
C GLY A 318 -27.09 -14.65 11.09
N PHE A 319 -26.17 -13.72 10.85
CA PHE A 319 -25.09 -13.95 9.87
C PHE A 319 -23.77 -13.45 10.36
N ASN A 320 -22.70 -14.07 9.86
CA ASN A 320 -21.38 -13.51 9.94
C ASN A 320 -21.37 -12.26 9.00
N VAL A 321 -21.16 -11.06 9.56
CA VAL A 321 -21.25 -9.82 8.77
C VAL A 321 -20.19 -9.76 7.71
N SER A 322 -19.04 -10.37 7.97
CA SER A 322 -17.94 -10.27 7.03
C SER A 322 -18.32 -10.99 5.75
N TYR A 323 -18.98 -12.13 5.90
CA TYR A 323 -19.43 -12.92 4.75
C TYR A 323 -20.48 -12.15 3.91
N VAL A 324 -21.36 -11.43 4.60
CA VAL A 324 -22.37 -10.62 3.93
C VAL A 324 -21.72 -9.45 3.22
N LEU A 325 -20.83 -8.75 3.91
CA LEU A 325 -20.12 -7.63 3.31
C LEU A 325 -19.25 -8.04 2.11
N ASP A 326 -18.61 -9.20 2.17
CA ASP A 326 -17.82 -9.69 1.02
C ASP A 326 -18.69 -9.79 -0.21
N VAL A 327 -19.89 -10.34 -0.04
CA VAL A 327 -20.85 -10.46 -1.15
C VAL A 327 -21.26 -9.08 -1.68
N LEU A 328 -21.67 -8.19 -0.77
CA LEU A 328 -22.17 -6.88 -1.17
C LEU A 328 -21.07 -6.11 -1.90
N ASN A 329 -19.83 -6.24 -1.42
CA ASN A 329 -18.69 -5.64 -2.13
C ASN A 329 -18.38 -6.29 -3.47
N ALA A 330 -18.68 -7.57 -3.63
CA ALA A 330 -18.48 -8.25 -4.91
C ALA A 330 -19.56 -7.90 -5.93
N LEU A 331 -20.76 -7.55 -5.49
CA LEU A 331 -21.85 -7.32 -6.43
C LEU A 331 -21.70 -6.04 -7.26
N LYS A 332 -21.26 -4.94 -6.66
CA LYS A 332 -21.08 -3.67 -7.41
C LYS A 332 -22.28 -3.30 -8.30
N CYS A 333 -23.47 -3.33 -7.73
CA CYS A 333 -24.69 -3.06 -8.46
C CYS A 333 -25.56 -2.12 -7.64
N GLU A 334 -26.64 -1.63 -8.24
CA GLU A 334 -27.52 -0.67 -7.59
CA GLU A 334 -27.52 -0.67 -7.59
C GLU A 334 -28.38 -1.30 -6.50
N ASN A 335 -29.03 -2.42 -6.83
CA ASN A 335 -29.94 -3.09 -5.91
C ASN A 335 -29.63 -4.58 -5.78
N VAL A 336 -29.78 -5.09 -4.56
CA VAL A 336 -29.58 -6.48 -4.28
C VAL A 336 -30.87 -7.14 -3.85
N ARG A 337 -30.95 -8.43 -4.12
CA ARG A 337 -32.06 -9.27 -3.67
C ARG A 337 -31.51 -10.35 -2.75
N MET A 338 -32.13 -10.46 -1.58
CA MET A 338 -31.81 -11.52 -0.62
C MET A 338 -32.98 -12.49 -0.60
N MET A 339 -32.68 -13.76 -0.77
CA MET A 339 -33.70 -14.78 -0.88
C MET A 339 -33.61 -15.67 0.33
N LEU A 340 -34.65 -15.58 1.16
CA LEU A 340 -34.70 -16.14 2.48
C LEU A 340 -35.72 -17.27 2.60
N THR A 341 -35.44 -18.21 3.49
CA THR A 341 -36.35 -19.32 3.77
C THR A 341 -36.84 -19.26 5.23
N ASP A 342 -35.91 -19.38 6.17
CA ASP A 342 -36.20 -19.28 7.59
C ASP A 342 -34.89 -19.09 8.36
N SER A 343 -34.98 -18.99 9.69
CA SER A 343 -33.82 -18.72 10.56
C SER A 343 -32.72 -19.78 10.56
N VAL A 344 -33.02 -21.00 10.13
CA VAL A 344 -32.01 -22.06 10.14
C VAL A 344 -31.51 -22.43 8.74
N SER A 345 -31.90 -21.65 7.74
CA SER A 345 -31.53 -21.96 6.35
C SER A 345 -30.61 -20.87 5.77
N SER A 346 -29.82 -21.26 4.77
CA SER A 346 -28.90 -20.34 4.12
C SER A 346 -29.70 -19.23 3.42
N VAL A 347 -28.98 -18.18 3.02
CA VAL A 347 -29.59 -17.09 2.23
C VAL A 347 -28.91 -17.07 0.87
N GLN A 348 -29.67 -16.78 -0.18
CA GLN A 348 -29.10 -16.60 -1.49
C GLN A 348 -29.18 -15.13 -1.79
N ILE A 349 -28.07 -14.55 -2.25
CA ILE A 349 -27.97 -13.13 -2.55
C ILE A 349 -27.55 -12.97 -4.01
N GLU A 350 -28.21 -12.04 -4.68
CA GLU A 350 -27.98 -11.74 -6.09
C GLU A 350 -28.18 -10.24 -6.33
N ASP A 351 -27.60 -9.76 -7.42
CA ASP A 351 -27.96 -8.48 -8.00
C ASP A 351 -29.43 -8.59 -8.40
N ALA A 352 -30.24 -7.60 -8.06
CA ALA A 352 -31.69 -7.66 -8.33
C ALA A 352 -31.99 -7.70 -9.83
N ALA A 353 -31.03 -7.25 -10.64
CA ALA A 353 -31.21 -7.08 -12.08
C ALA A 353 -30.47 -8.13 -12.90
N SER A 354 -29.75 -9.04 -12.25
CA SER A 354 -29.06 -10.10 -12.96
C SER A 354 -28.94 -11.37 -12.13
N GLN A 355 -29.22 -12.50 -12.76
CA GLN A 355 -29.09 -13.81 -12.10
C GLN A 355 -27.78 -14.53 -12.45
N SER A 356 -26.84 -13.83 -13.09
CA SER A 356 -25.61 -14.50 -13.56
C SER A 356 -24.61 -14.81 -12.42
N ALA A 357 -24.77 -14.16 -11.28
CA ALA A 357 -24.00 -14.50 -10.08
C ALA A 357 -24.95 -14.73 -8.91
N ALA A 358 -24.62 -15.74 -8.10
CA ALA A 358 -25.37 -16.06 -6.91
C ALA A 358 -24.43 -16.41 -5.75
N TYR A 359 -24.83 -16.01 -4.55
CA TYR A 359 -24.02 -16.20 -3.37
C TYR A 359 -24.86 -16.83 -2.28
N VAL A 360 -24.29 -17.81 -1.61
CA VAL A 360 -24.97 -18.52 -0.54
C VAL A 360 -24.16 -18.38 0.71
N VAL A 361 -24.83 -17.95 1.78
CA VAL A 361 -24.21 -17.76 3.08
C VAL A 361 -25.07 -18.47 4.14
N MET A 362 -24.43 -19.25 4.99
CA MET A 362 -25.12 -20.03 6.01
C MET A 362 -25.45 -19.15 7.21
N PRO A 363 -26.58 -19.41 7.89
CA PRO A 363 -26.92 -18.61 9.06
C PRO A 363 -26.06 -18.98 10.26
N MET A 364 -26.04 -18.12 11.27
CA MET A 364 -25.38 -18.41 12.55
C MET A 364 -26.40 -18.80 13.59
N MET B 1 -22.89 15.25 29.91
CA MET B 1 -22.31 15.70 28.61
C MET B 1 -23.25 15.35 27.48
N LYS B 2 -23.48 16.30 26.59
CA LYS B 2 -24.26 16.00 25.40
C LYS B 2 -23.86 16.97 24.32
N PHE B 3 -23.82 16.50 23.08
CA PHE B 3 -23.60 17.39 21.94
C PHE B 3 -24.17 16.76 20.68
N THR B 4 -24.56 17.60 19.74
CA THR B 4 -24.88 17.20 18.40
C THR B 4 -24.00 18.00 17.46
N VAL B 5 -23.30 17.29 16.58
CA VAL B 5 -22.38 17.93 15.65
C VAL B 5 -22.54 17.28 14.28
N GLU B 6 -22.52 18.11 13.25
CA GLU B 6 -22.66 17.63 11.87
C GLU B 6 -21.37 16.84 11.54
N ARG B 7 -21.53 15.69 10.89
CA ARG B 7 -20.45 14.70 10.66
C ARG B 7 -19.14 15.28 10.13
N GLU B 8 -19.24 16.14 9.11
CA GLU B 8 -18.03 16.68 8.49
C GLU B 8 -17.34 17.73 9.37
N HIS B 9 -18.00 18.22 10.41
CA HIS B 9 -17.29 19.04 11.42
C HIS B 9 -16.56 18.20 12.47
N LEU B 10 -16.88 16.92 12.53
CA LEU B 10 -16.30 16.05 13.54
C LEU B 10 -15.18 15.17 12.97
N LEU B 11 -15.27 14.89 11.67
CA LEU B 11 -14.43 13.89 11.01
C LEU B 11 -12.95 14.22 11.00
N LYS B 12 -12.59 15.43 10.58
CA LYS B 12 -11.17 15.80 10.50
C LYS B 12 -10.52 15.93 11.89
N PRO B 13 -11.20 16.58 12.85
CA PRO B 13 -10.72 16.58 14.23
C PRO B 13 -10.44 15.17 14.77
N LEU B 14 -11.37 14.26 14.57
CA LEU B 14 -11.19 12.87 15.01
C LEU B 14 -9.98 12.21 14.36
N GLN B 15 -9.81 12.43 13.06
CA GLN B 15 -8.68 11.88 12.34
C GLN B 15 -7.36 12.48 12.86
N GLN B 16 -7.31 13.79 13.06
CA GLN B 16 -6.05 14.38 13.57
C GLN B 16 -5.69 13.91 15.00
N VAL B 17 -6.67 13.80 15.89
CA VAL B 17 -6.34 13.37 17.26
C VAL B 17 -6.14 11.84 17.37
N SER B 18 -6.68 11.10 16.41
CA SER B 18 -6.56 9.64 16.40
C SER B 18 -5.45 9.30 15.47
N GLY B 19 -4.33 8.85 16.02
CA GLY B 19 -3.21 8.48 15.19
C GLY B 19 -2.05 9.36 15.56
N PRO B 20 -1.08 8.79 16.29
CA PRO B 20 -1.20 7.56 17.06
C PRO B 20 -1.27 7.87 18.56
N LEU B 21 -1.87 7.01 19.40
CA LEU B 21 -2.65 5.83 19.02
C LEU B 21 -1.90 4.87 18.08
N GLY B 22 -0.85 4.25 18.60
CA GLY B 22 0.03 3.38 17.82
C GLY B 22 0.06 1.94 18.31
N GLY B 23 -1.11 1.32 18.38
CA GLY B 23 -1.20 -0.13 18.58
C GLY B 23 -0.96 -0.68 19.99
N ARG B 24 0.03 -0.12 20.70
CA ARG B 24 0.48 -0.68 21.99
C ARG B 24 0.37 0.33 23.15
N PRO B 25 -0.85 0.70 23.54
CA PRO B 25 -0.99 1.62 24.68
C PRO B 25 -0.42 1.05 25.99
N THR B 26 0.28 1.88 26.76
CA THR B 26 0.87 1.45 28.02
C THR B 26 -0.14 1.46 29.18
N LEU B 27 -1.31 2.06 28.94
CA LEU B 27 -2.48 1.90 29.81
C LEU B 27 -3.67 1.72 28.87
N PRO B 28 -4.63 0.83 29.23
CA PRO B 28 -5.80 0.61 28.37
C PRO B 28 -6.50 1.89 27.97
N ILE B 29 -6.63 2.84 28.88
CA ILE B 29 -7.39 4.03 28.60
C ILE B 29 -6.75 4.87 27.49
N LEU B 30 -5.47 4.67 27.20
CA LEU B 30 -4.82 5.41 26.11
C LEU B 30 -5.30 4.96 24.72
N GLY B 31 -6.03 3.85 24.64
CA GLY B 31 -6.76 3.47 23.42
C GLY B 31 -8.05 4.28 23.22
N ASN B 32 -8.41 5.12 24.20
CA ASN B 32 -9.58 5.95 24.13
C ASN B 32 -9.25 7.39 23.81
N LEU B 33 -10.24 8.09 23.24
CA LEU B 33 -10.20 9.54 23.13
C LEU B 33 -10.94 10.18 24.29
N LEU B 34 -10.39 11.28 24.78
CA LEU B 34 -11.02 12.10 25.79
C LEU B 34 -11.91 13.15 25.12
N LEU B 35 -13.22 13.12 25.43
CA LEU B 35 -14.17 14.13 24.93
C LEU B 35 -14.56 15.06 26.08
N GLN B 36 -14.48 16.36 25.84
CA GLN B 36 -14.82 17.36 26.86
C GLN B 36 -15.65 18.46 26.26
N VAL B 37 -16.86 18.66 26.80
CA VAL B 37 -17.70 19.80 26.47
C VAL B 37 -17.60 20.83 27.58
N ALA B 38 -17.20 22.04 27.21
CA ALA B 38 -17.11 23.13 28.15
C ALA B 38 -17.20 24.44 27.39
N ASP B 39 -17.96 25.38 27.93
CA ASP B 39 -18.04 26.73 27.43
C ASP B 39 -18.25 26.81 25.90
N GLY B 40 -19.18 26.01 25.39
CA GLY B 40 -19.50 26.00 23.97
C GLY B 40 -18.53 25.29 23.04
N THR B 41 -17.55 24.56 23.59
CA THR B 41 -16.56 23.87 22.76
C THR B 41 -16.42 22.41 23.14
N LEU B 42 -16.34 21.57 22.10
CA LEU B 42 -15.96 20.17 22.27
C LEU B 42 -14.48 20.04 22.01
N SER B 43 -13.75 19.55 23.00
CA SER B 43 -12.35 19.28 22.89
C SER B 43 -12.18 17.77 22.79
N LEU B 44 -11.32 17.35 21.85
CA LEU B 44 -10.98 15.97 21.62
C LEU B 44 -9.49 15.77 21.82
N THR B 45 -9.14 14.78 22.64
CA THR B 45 -7.75 14.55 22.98
C THR B 45 -7.31 13.10 22.82
N GLY B 46 -6.17 12.91 22.17
CA GLY B 46 -5.50 11.62 22.10
C GLY B 46 -4.08 11.80 22.59
N THR B 47 -3.54 10.78 23.25
CA THR B 47 -2.18 10.82 23.80
C THR B 47 -1.59 9.43 23.97
N ASP B 48 -0.26 9.32 23.91
CA ASP B 48 0.47 8.13 24.33
C ASP B 48 1.33 8.39 25.57
N LEU B 49 1.01 9.48 26.29
CA LEU B 49 1.75 9.98 27.47
C LEU B 49 2.97 10.82 27.11
N GLU B 50 3.44 10.70 25.88
CA GLU B 50 4.60 11.49 25.45
C GLU B 50 4.19 12.58 24.48
N MET B 51 3.39 12.23 23.51
CA MET B 51 2.77 13.26 22.68
C MET B 51 1.28 13.29 22.89
N GLU B 52 0.70 14.41 22.49
CA GLU B 52 -0.67 14.70 22.72
C GLU B 52 -1.18 15.53 21.57
N MET B 53 -2.37 15.19 21.09
CA MET B 53 -3.03 15.97 20.06
C MET B 53 -4.43 16.38 20.55
N VAL B 54 -4.71 17.67 20.43
CA VAL B 54 -5.94 18.25 20.94
C VAL B 54 -6.61 19.05 19.84
N ALA B 55 -7.87 18.69 19.53
CA ALA B 55 -8.71 19.42 18.59
C ALA B 55 -9.90 20.06 19.30
N ARG B 56 -10.24 21.29 18.90
CA ARG B 56 -11.40 21.99 19.48
C ARG B 56 -12.43 22.22 18.38
N VAL B 57 -13.69 21.89 18.69
CA VAL B 57 -14.80 22.06 17.76
C VAL B 57 -15.87 22.96 18.37
N ALA B 58 -16.15 24.08 17.71
CA ALA B 58 -17.18 24.99 18.20
C ALA B 58 -18.54 24.29 18.08
N LEU B 59 -19.36 24.41 19.12
CA LEU B 59 -20.66 23.75 19.15
C LEU B 59 -21.78 24.76 18.93
N VAL B 60 -22.42 24.67 17.78
CA VAL B 60 -23.48 25.62 17.42
C VAL B 60 -24.88 25.06 17.76
N GLN B 61 -24.99 23.77 18.00
CA GLN B 61 -26.26 23.16 18.38
C GLN B 61 -26.31 23.05 19.91
N PRO B 62 -27.49 22.77 20.49
CA PRO B 62 -27.64 22.54 21.94
C PRO B 62 -26.64 21.53 22.49
N HIS B 63 -26.13 21.79 23.70
CA HIS B 63 -25.11 20.92 24.29
C HIS B 63 -25.12 21.08 25.79
N GLU B 64 -24.52 20.09 26.46
CA GLU B 64 -24.44 20.06 27.90
CA GLU B 64 -24.43 20.09 27.90
C GLU B 64 -22.99 19.75 28.27
N PRO B 65 -22.41 20.49 29.23
CA PRO B 65 -21.00 20.24 29.54
C PRO B 65 -20.78 18.91 30.25
N GLY B 66 -19.52 18.49 30.28
CA GLY B 66 -19.14 17.21 30.84
C GLY B 66 -18.06 16.52 30.00
N ALA B 67 -17.59 15.38 30.49
CA ALA B 67 -16.50 14.66 29.86
C ALA B 67 -16.65 13.15 29.99
N THR B 68 -16.09 12.43 29.02
CA THR B 68 -15.95 10.99 29.10
C THR B 68 -14.81 10.57 28.16
N THR B 69 -14.53 9.28 28.10
CA THR B 69 -13.61 8.73 27.10
C THR B 69 -14.23 7.50 26.45
N VAL B 70 -13.99 7.36 25.15
CA VAL B 70 -14.54 6.24 24.37
C VAL B 70 -13.43 5.67 23.49
N PRO B 71 -13.55 4.39 23.11
CA PRO B 71 -12.55 3.81 22.19
C PRO B 71 -12.44 4.62 20.90
N ALA B 72 -11.22 5.05 20.60
CA ALA B 72 -10.94 5.98 19.51
C ALA B 72 -11.28 5.43 18.15
N ARG B 73 -10.78 4.23 17.87
CA ARG B 73 -10.93 3.58 16.58
C ARG B 73 -12.40 3.32 16.30
N LYS B 74 -13.10 2.74 17.27
CA LYS B 74 -14.53 2.44 17.08
C LYS B 74 -15.35 3.70 16.84
N PHE B 75 -15.08 4.75 17.61
CA PHE B 75 -15.81 5.98 17.48
C PHE B 75 -15.52 6.66 16.16
N PHE B 76 -14.24 6.69 15.78
CA PHE B 76 -13.90 7.19 14.46
C PHE B 76 -14.60 6.42 13.36
N ASP B 77 -14.59 5.09 13.43
CA ASP B 77 -15.15 4.27 12.36
C ASP B 77 -16.66 4.43 12.25
N ILE B 78 -17.34 4.64 13.38
CA ILE B 78 -18.78 4.87 13.37
C ILE B 78 -19.06 6.21 12.69
N CYS B 79 -18.31 7.25 13.05
CA CYS B 79 -18.55 8.57 12.47
C CYS B 79 -18.24 8.58 10.96
N ARG B 80 -17.10 8.01 10.58
CA ARG B 80 -16.68 7.90 9.18
CA ARG B 80 -16.68 7.91 9.17
C ARG B 80 -17.70 7.11 8.36
N GLY B 81 -18.20 6.02 8.93
CA GLY B 81 -19.13 5.12 8.24
C GLY B 81 -20.56 5.64 8.08
N LEU B 82 -20.89 6.73 8.77
CA LEU B 82 -22.18 7.36 8.61
C LEU B 82 -22.21 8.13 7.30
N PRO B 83 -23.42 8.37 6.75
CA PRO B 83 -23.43 8.96 5.43
C PRO B 83 -23.05 10.44 5.48
N GLU B 84 -22.60 10.96 4.36
CA GLU B 84 -22.42 12.40 4.19
C GLU B 84 -23.65 13.17 4.71
N GLY B 85 -23.41 14.29 5.38
CA GLY B 85 -24.49 15.14 5.89
C GLY B 85 -25.12 14.72 7.22
N ALA B 86 -24.71 13.58 7.77
CA ALA B 86 -25.28 13.05 8.99
C ALA B 86 -25.08 14.03 10.14
N GLU B 87 -26.12 14.20 10.95
CA GLU B 87 -26.03 14.88 12.23
C GLU B 87 -25.74 13.82 13.28
N ILE B 88 -24.71 14.03 14.09
CA ILE B 88 -24.29 13.04 15.07
C ILE B 88 -24.62 13.52 16.49
N ALA B 89 -25.61 12.89 17.11
CA ALA B 89 -26.06 13.24 18.46
C ALA B 89 -25.42 12.28 19.46
N VAL B 90 -24.68 12.83 20.42
CA VAL B 90 -23.95 12.06 21.44
C VAL B 90 -24.42 12.42 22.85
N GLN B 91 -24.69 11.44 23.70
CA GLN B 91 -24.91 11.72 25.11
C GLN B 91 -24.35 10.63 25.97
N LEU B 92 -23.85 11.05 27.13
CA LEU B 92 -23.30 10.17 28.13
C LEU B 92 -24.48 9.60 28.90
N GLU B 93 -24.55 8.28 28.98
CA GLU B 93 -25.65 7.58 29.66
C GLU B 93 -25.08 6.51 30.57
N GLY B 94 -24.77 6.89 31.80
CA GLY B 94 -24.16 5.96 32.76
C GLY B 94 -22.75 5.60 32.34
N GLU B 95 -22.50 4.30 32.13
CA GLU B 95 -21.20 3.78 31.73
C GLU B 95 -21.10 3.62 30.20
N ARG B 96 -22.06 4.15 29.47
CA ARG B 96 -22.09 4.04 28.03
C ARG B 96 -22.19 5.42 27.41
N MET B 97 -21.67 5.57 26.20
CA MET B 97 -21.92 6.77 25.40
C MET B 97 -22.81 6.37 24.23
N LEU B 98 -23.97 7.03 24.13
CA LEU B 98 -24.92 6.73 23.06
C LEU B 98 -24.66 7.68 21.91
N VAL B 99 -24.59 7.13 20.71
CA VAL B 99 -24.37 7.90 19.48
C VAL B 99 -25.56 7.60 18.60
N ARG B 100 -26.23 8.64 18.11
CA ARG B 100 -27.42 8.49 17.31
C ARG B 100 -27.36 9.38 16.07
N SER B 101 -27.77 8.83 14.94
CA SER B 101 -27.84 9.58 13.70
C SER B 101 -28.81 8.86 12.78
N GLY B 102 -29.83 9.60 12.31
CA GLY B 102 -30.91 9.03 11.51
C GLY B 102 -31.50 7.88 12.30
N ARG B 103 -31.59 6.71 11.66
CA ARG B 103 -32.01 5.48 12.37
C ARG B 103 -30.84 4.53 12.65
N SER B 104 -29.66 5.12 12.83
CA SER B 104 -28.51 4.41 13.32
C SER B 104 -28.27 4.73 14.79
N ARG B 105 -27.97 3.69 15.57
CA ARG B 105 -27.71 3.83 17.00
C ARG B 105 -26.48 3.03 17.41
N PHE B 106 -25.68 3.58 18.31
CA PHE B 106 -24.48 2.93 18.81
C PHE B 106 -24.29 3.26 20.30
N SER B 107 -24.08 2.22 21.08
CA SER B 107 -23.73 2.37 22.48
C SER B 107 -22.27 1.89 22.64
N LEU B 108 -21.39 2.82 22.99
CA LEU B 108 -19.97 2.57 23.18
C LEU B 108 -19.66 2.52 24.67
N SER B 109 -18.71 1.66 25.06
CA SER B 109 -18.23 1.63 26.44
CA SER B 109 -18.24 1.62 26.44
C SER B 109 -17.41 2.88 26.70
N THR B 110 -17.37 3.30 27.96
CA THR B 110 -16.60 4.48 28.35
C THR B 110 -15.65 4.13 29.48
N LEU B 111 -14.61 4.94 29.64
CA LEU B 111 -13.78 4.92 30.83
C LEU B 111 -13.79 6.36 31.34
N PRO B 112 -13.76 6.55 32.68
CA PRO B 112 -13.90 7.89 33.22
C PRO B 112 -12.84 8.88 32.74
N ALA B 113 -13.30 10.08 32.37
CA ALA B 113 -12.42 11.16 31.98
C ALA B 113 -11.45 11.53 33.10
N ALA B 114 -11.90 11.40 34.35
CA ALA B 114 -11.07 11.71 35.54
C ALA B 114 -9.85 10.78 35.66
N ASP B 115 -9.92 9.64 34.98
CA ASP B 115 -8.85 8.68 34.94
C ASP B 115 -7.93 8.85 33.74
N PHE B 116 -8.26 9.77 32.83
CA PHE B 116 -7.46 9.96 31.62
C PHE B 116 -6.22 10.76 31.99
N PRO B 117 -5.04 10.33 31.51
CA PRO B 117 -3.83 11.05 31.91
C PRO B 117 -3.82 12.48 31.40
N ASN B 118 -3.53 13.40 32.31
CA ASN B 118 -3.43 14.81 32.00
C ASN B 118 -1.96 15.17 32.03
N LEU B 119 -1.40 15.51 30.87
CA LEU B 119 0.01 15.89 30.80
C LEU B 119 0.22 17.24 31.47
N ASP B 120 1.25 17.32 32.31
CA ASP B 120 1.58 18.55 33.03
C ASP B 120 1.73 19.78 32.12
N ASP B 121 1.31 20.93 32.64
CA ASP B 121 1.60 22.23 32.01
C ASP B 121 3.12 22.46 32.02
N TRP B 122 3.65 23.11 30.99
CA TRP B 122 5.06 23.53 30.99
C TRP B 122 5.16 24.92 30.37
N GLN B 123 6.30 25.56 30.56
CA GLN B 123 6.51 26.94 30.13
C GLN B 123 7.33 27.01 28.86
N SER B 124 6.86 27.73 27.86
CA SER B 124 7.67 27.90 26.66
C SER B 124 8.84 28.88 26.92
N GLU B 125 9.98 28.60 26.31
CA GLU B 125 11.14 29.52 26.37
C GLU B 125 11.44 30.17 25.02
N VAL B 126 10.96 29.58 23.93
CA VAL B 126 11.10 30.15 22.59
C VAL B 126 9.79 29.98 21.83
N GLU B 127 9.36 31.02 21.12
CA GLU B 127 8.14 30.94 20.35
C GLU B 127 8.35 31.63 19.03
N PHE B 128 7.78 31.09 17.98
CA PHE B 128 7.81 31.74 16.68
C PHE B 128 6.64 31.25 15.83
N THR B 129 6.39 31.95 14.75
CA THR B 129 5.36 31.61 13.78
C THR B 129 6.04 31.40 12.43
N LEU B 130 5.49 30.51 11.61
CA LEU B 130 6.00 30.34 10.25
C LEU B 130 4.93 29.74 9.35
N PRO B 131 5.04 29.98 8.03
CA PRO B 131 4.15 29.31 7.10
C PRO B 131 4.28 27.80 7.19
N GLN B 132 3.16 27.10 7.03
CA GLN B 132 3.13 25.63 6.95
C GLN B 132 4.10 25.12 5.89
N ALA B 133 4.11 25.77 4.71
CA ALA B 133 5.04 25.39 3.62
C ALA B 133 6.50 25.36 4.07
N THR B 134 6.87 26.27 4.96
CA THR B 134 8.24 26.34 5.44
C THR B 134 8.56 25.17 6.36
N MET B 135 7.62 24.81 7.21
CA MET B 135 7.83 23.68 8.10
C MET B 135 7.93 22.42 7.26
N LYS B 136 7.05 22.31 6.25
CA LYS B 136 7.01 21.11 5.43
C LYS B 136 8.32 20.94 4.67
N ARG B 137 8.84 22.06 4.16
CA ARG B 137 10.12 22.07 3.45
C ARG B 137 11.25 21.64 4.38
N LEU B 138 11.26 22.17 5.60
CA LEU B 138 12.32 21.86 6.56
C LEU B 138 12.39 20.38 6.90
N ILE B 139 11.23 19.78 7.15
CA ILE B 139 11.15 18.37 7.50
C ILE B 139 11.46 17.47 6.31
N GLU B 140 10.80 17.69 5.16
CA GLU B 140 10.98 16.83 3.98
CA GLU B 140 10.98 16.80 4.03
C GLU B 140 12.43 16.83 3.48
N ALA B 141 13.13 17.94 3.68
CA ALA B 141 14.52 18.07 3.24
C ALA B 141 15.50 17.21 4.02
N THR B 142 15.14 16.80 5.25
CA THR B 142 16.07 16.15 6.16
C THR B 142 15.62 14.81 6.77
N GLN B 143 14.30 14.60 6.83
CA GLN B 143 13.67 13.47 7.50
C GLN B 143 14.30 12.12 7.17
N PHE B 144 14.55 11.86 5.89
CA PHE B 144 15.17 10.59 5.46
C PHE B 144 16.55 10.28 6.08
N SER B 145 17.27 11.27 6.62
CA SER B 145 18.60 11.05 7.15
C SER B 145 18.63 10.73 8.65
N MET B 146 17.49 10.74 9.31
CA MET B 146 17.43 10.33 10.72
C MET B 146 17.77 8.84 10.81
N ALA B 147 18.41 8.46 11.91
CA ALA B 147 18.73 7.05 12.15
C ALA B 147 17.47 6.23 12.44
N HIS B 148 17.50 4.98 12.03
CA HIS B 148 16.40 4.02 12.23
C HIS B 148 16.77 3.03 13.31
N GLN B 149 16.80 3.50 14.54
CA GLN B 149 17.29 2.70 15.66
C GLN B 149 16.14 2.43 16.61
N ASP B 150 16.44 2.25 17.90
CA ASP B 150 15.40 2.23 18.91
C ASP B 150 14.87 3.63 19.16
N VAL B 151 13.63 3.71 19.63
CA VAL B 151 12.91 4.97 19.80
C VAL B 151 13.70 6.05 20.56
N ARG B 152 14.42 5.66 21.61
CA ARG B 152 15.14 6.64 22.47
C ARG B 152 16.54 7.05 21.97
N TYR B 153 17.05 6.37 20.93
CA TYR B 153 18.32 6.74 20.29
C TYR B 153 18.34 8.21 19.88
N TYR B 154 19.36 8.93 20.33
CA TYR B 154 19.45 10.38 20.12
C TYR B 154 19.43 10.82 18.64
N LEU B 155 19.85 9.95 17.73
CA LEU B 155 19.83 10.28 16.31
C LEU B 155 18.57 9.81 15.61
N ASN B 156 17.67 9.16 16.35
CA ASN B 156 16.34 8.79 15.86
C ASN B 156 15.39 9.95 16.07
N GLY B 157 15.67 11.05 15.39
CA GLY B 157 14.93 12.27 15.58
C GLY B 157 15.63 13.39 14.87
N MET B 158 15.02 14.56 14.93
CA MET B 158 15.42 15.69 14.14
C MET B 158 15.77 16.89 15.01
N LEU B 159 16.95 17.46 14.78
CA LEU B 159 17.34 18.66 15.47
C LEU B 159 16.55 19.80 14.89
N PHE B 160 15.95 20.61 15.75
CA PHE B 160 15.34 21.86 15.34
C PHE B 160 16.13 22.96 16.05
N GLU B 161 16.68 23.88 15.26
CA GLU B 161 17.60 24.88 15.76
C GLU B 161 17.17 26.27 15.29
N THR B 162 17.06 27.21 16.24
CA THR B 162 16.76 28.60 15.96
C THR B 162 18.07 29.36 16.08
N GLU B 163 18.37 30.20 15.09
CA GLU B 163 19.60 31.00 15.08
C GLU B 163 19.42 32.25 14.20
N GLY B 164 19.51 33.42 14.82
CA GLY B 164 19.27 34.67 14.12
C GLY B 164 17.84 34.69 13.63
N GLU B 165 17.66 34.83 12.31
CA GLU B 165 16.34 34.85 11.70
C GLU B 165 15.94 33.54 11.01
N GLU B 166 16.68 32.47 11.27
CA GLU B 166 16.35 31.21 10.62
C GLU B 166 16.02 30.04 11.56
N LEU B 167 15.11 29.21 11.09
CA LEU B 167 14.87 27.89 11.62
C LEU B 167 15.59 26.88 10.73
N ARG B 168 16.29 25.95 11.38
CA ARG B 168 17.11 24.95 10.73
C ARG B 168 16.74 23.56 11.27
N THR B 169 16.66 22.58 10.37
CA THR B 169 16.59 21.18 10.77
C THR B 169 17.88 20.43 10.41
N VAL B 170 18.29 19.50 11.27
CA VAL B 170 19.42 18.64 11.00
C VAL B 170 19.03 17.20 11.32
N ALA B 171 19.43 16.27 10.45
CA ALA B 171 19.22 14.85 10.68
C ALA B 171 20.43 14.07 10.21
N THR B 172 20.85 13.07 11.00
CA THR B 172 22.01 12.24 10.64
C THR B 172 21.98 10.88 11.33
N ASP B 173 22.64 9.90 10.71
CA ASP B 173 22.77 8.57 11.29
C ASP B 173 24.24 8.20 11.55
N GLY B 174 25.15 9.16 11.40
CA GLY B 174 26.57 8.91 11.61
C GLY B 174 27.31 8.58 10.34
N HIS B 175 26.58 8.42 9.23
CA HIS B 175 27.18 8.12 7.92
C HIS B 175 26.83 9.17 6.88
N ARG B 176 25.66 9.76 7.02
CA ARG B 176 25.19 10.80 6.12
C ARG B 176 24.39 11.80 6.91
N LEU B 177 24.31 13.01 6.38
CA LEU B 177 23.67 14.08 7.11
C LEU B 177 22.90 14.97 6.14
N ALA B 178 21.80 15.53 6.65
CA ALA B 178 21.01 16.49 5.92
C ALA B 178 20.80 17.70 6.80
N VAL B 179 20.91 18.88 6.22
CA VAL B 179 20.66 20.11 6.96
C VAL B 179 19.96 21.10 6.06
N CYS B 180 18.92 21.75 6.60
CA CYS B 180 18.15 22.72 5.86
C CYS B 180 17.90 23.90 6.78
N SER B 181 18.08 25.11 6.26
CA SER B 181 17.80 26.34 7.01
C SER B 181 16.91 27.26 6.19
N MET B 182 15.87 27.79 6.83
CA MET B 182 14.92 28.70 6.20
C MET B 182 14.73 29.96 7.05
N PRO B 183 14.78 31.15 6.43
CA PRO B 183 14.52 32.38 7.18
C PRO B 183 13.04 32.52 7.53
N ILE B 184 12.75 32.95 8.77
CA ILE B 184 11.36 33.16 9.20
C ILE B 184 11.03 34.58 9.64
N GLY B 185 11.96 35.52 9.46
CA GLY B 185 11.64 36.94 9.59
C GLY B 185 11.37 37.44 11.00
N GLN B 186 11.86 36.71 12.00
CA GLN B 186 11.79 37.13 13.39
C GLN B 186 13.14 36.73 13.97
N SER B 187 13.75 37.61 14.77
CA SER B 187 15.08 37.34 15.30
C SER B 187 14.90 36.51 16.57
N LEU B 188 15.67 35.41 16.64
CA LEU B 188 15.38 34.34 17.58
C LEU B 188 16.58 34.08 18.46
N PRO B 189 16.34 33.66 19.72
CA PRO B 189 17.44 33.22 20.55
C PRO B 189 18.07 31.94 20.02
N SER B 190 19.34 31.73 20.33
CA SER B 190 20.05 30.52 19.97
C SER B 190 19.53 29.37 20.82
N HIS B 191 19.02 28.35 20.15
CA HIS B 191 18.39 27.22 20.83
C HIS B 191 18.33 26.03 19.87
N SER B 192 18.53 24.83 20.39
CA SER B 192 18.31 23.62 19.61
C SER B 192 17.78 22.49 20.47
N VAL B 193 16.89 21.71 19.90
CA VAL B 193 16.28 20.57 20.57
C VAL B 193 16.11 19.45 19.57
N ILE B 194 15.98 18.23 20.11
CA ILE B 194 15.78 17.04 19.32
C ILE B 194 14.32 16.60 19.44
N VAL B 195 13.61 16.59 18.32
CA VAL B 195 12.23 16.09 18.29
C VAL B 195 12.26 14.61 17.85
N PRO B 196 11.64 13.71 18.63
CA PRO B 196 11.70 12.31 18.22
C PRO B 196 10.99 12.05 16.91
N ARG B 197 11.37 10.93 16.26
CA ARG B 197 10.80 10.54 14.96
C ARG B 197 9.30 10.65 14.98
N LYS B 198 8.68 10.11 16.04
CA LYS B 198 7.22 10.07 16.08
C LYS B 198 6.64 11.50 16.14
N GLY B 199 7.32 12.40 16.84
CA GLY B 199 6.94 13.81 16.86
C GLY B 199 7.04 14.48 15.51
N VAL B 200 8.12 14.19 14.80
CA VAL B 200 8.31 14.70 13.45
C VAL B 200 7.20 14.26 12.50
N ILE B 201 6.83 13.00 12.56
CA ILE B 201 5.71 12.51 11.75
C ILE B 201 4.42 13.29 12.00
N GLU B 202 4.15 13.65 13.25
CA GLU B 202 2.90 14.33 13.57
C GLU B 202 2.95 15.79 13.15
N LEU B 203 4.09 16.44 13.30
CA LEU B 203 4.26 17.80 12.79
C LEU B 203 3.96 17.86 11.31
N MET B 204 4.41 16.86 10.57
CA MET B 204 4.12 16.82 9.14
C MET B 204 2.66 16.55 8.86
N ARG B 205 2.12 15.55 9.54
CA ARG B 205 0.75 15.11 9.37
C ARG B 205 -0.24 16.23 9.68
N MET B 206 0.11 17.17 10.56
CA MET B 206 -0.82 18.25 10.91
C MET B 206 -0.86 19.37 9.87
N LEU B 207 0.08 19.37 8.93
CA LEU B 207 0.10 20.40 7.91
C LEU B 207 -0.91 20.07 6.82
N ASP B 208 -2.04 20.77 6.82
CA ASP B 208 -3.07 20.58 5.79
C ASP B 208 -2.59 21.12 4.44
N GLY B 209 -1.91 22.26 4.47
CA GLY B 209 -1.52 22.95 3.26
C GLY B 209 -2.59 23.98 2.91
N GLY B 210 -2.72 25.00 3.76
CA GLY B 210 -3.75 26.03 3.62
C GLY B 210 -3.30 27.38 4.15
N ASP B 211 -4.27 28.26 4.38
CA ASP B 211 -4.00 29.63 4.85
C ASP B 211 -3.34 29.62 6.23
N ASN B 212 -3.87 28.77 7.11
CA ASN B 212 -3.43 28.68 8.52
C ASN B 212 -1.91 28.60 8.71
N PRO B 213 -1.30 29.62 9.34
CA PRO B 213 0.12 29.52 9.67
C PRO B 213 0.33 28.65 10.90
N LEU B 214 1.59 28.31 11.15
CA LEU B 214 1.97 27.43 12.24
C LEU B 214 2.59 28.27 13.36
N ARG B 215 2.18 28.01 14.61
CA ARG B 215 2.78 28.71 15.75
C ARG B 215 3.44 27.65 16.62
N VAL B 216 4.73 27.84 16.87
CA VAL B 216 5.55 26.87 17.56
C VAL B 216 6.06 27.45 18.87
N GLN B 217 6.00 26.65 19.93
CA GLN B 217 6.53 26.99 21.23
C GLN B 217 7.42 25.84 21.69
N ILE B 218 8.63 26.18 22.11
CA ILE B 218 9.62 25.21 22.57
C ILE B 218 9.97 25.48 24.03
N GLY B 219 9.95 24.43 24.83
CA GLY B 219 10.31 24.49 26.25
C GLY B 219 11.60 23.73 26.50
N SER B 220 11.86 23.41 27.78
CA SER B 220 13.08 22.67 28.16
CA SER B 220 13.08 22.68 28.15
C SER B 220 13.02 21.24 27.68
N ASN B 221 11.84 20.63 27.80
CA ASN B 221 11.68 19.22 27.49
C ASN B 221 10.50 18.90 26.59
N ASN B 222 9.87 19.94 26.01
CA ASN B 222 8.76 19.72 25.11
C ASN B 222 8.68 20.77 24.03
N ILE B 223 7.96 20.40 22.99
CA ILE B 223 7.65 21.28 21.90
C ILE B 223 6.13 21.20 21.63
N ARG B 224 5.58 22.33 21.19
CA ARG B 224 4.17 22.49 20.93
C ARG B 224 3.97 23.23 19.61
N ALA B 225 3.10 22.71 18.76
CA ALA B 225 2.72 23.36 17.52
C ALA B 225 1.22 23.58 17.46
N HIS B 226 0.81 24.79 17.07
CA HIS B 226 -0.60 25.15 16.90
CA HIS B 226 -0.59 25.16 16.92
C HIS B 226 -0.86 25.42 15.43
N VAL B 227 -1.89 24.80 14.89
CA VAL B 227 -2.34 25.13 13.54
C VAL B 227 -3.86 25.04 13.51
N GLY B 228 -4.50 26.14 13.11
CA GLY B 228 -5.95 26.26 13.14
C GLY B 228 -6.46 25.92 14.52
N ASP B 229 -7.38 24.95 14.60
CA ASP B 229 -8.00 24.54 15.86
C ASP B 229 -7.37 23.27 16.46
N PHE B 230 -6.10 23.01 16.10
CA PHE B 230 -5.37 21.83 16.53
CA PHE B 230 -5.40 21.83 16.55
C PHE B 230 -4.11 22.20 17.27
N ILE B 231 -3.79 21.45 18.33
CA ILE B 231 -2.54 21.62 19.07
C ILE B 231 -1.88 20.24 19.24
N PHE B 232 -0.62 20.16 18.85
CA PHE B 232 0.16 18.96 19.03
C PHE B 232 1.28 19.27 19.99
N THR B 233 1.51 18.37 20.93
CA THR B 233 2.61 18.49 21.88
C THR B 233 3.44 17.20 21.87
N SER B 234 4.77 17.36 21.84
CA SER B 234 5.67 16.22 21.96
C SER B 234 6.71 16.45 23.03
N LYS B 235 7.11 15.38 23.70
CA LYS B 235 8.35 15.34 24.47
C LYS B 235 9.51 15.57 23.51
N LEU B 236 10.62 16.07 24.04
CA LEU B 236 11.91 16.13 23.34
C LEU B 236 12.77 14.92 23.70
N VAL B 237 13.74 14.60 22.84
CA VAL B 237 14.74 13.57 23.12
C VAL B 237 15.91 14.18 23.87
N ASP B 238 16.31 13.53 24.96
CA ASP B 238 17.49 13.95 25.69
C ASP B 238 18.68 13.46 24.92
N GLY B 239 19.68 14.32 24.76
CA GLY B 239 20.91 13.92 24.11
C GLY B 239 21.73 15.08 23.62
N ARG B 240 22.99 14.78 23.31
CA ARG B 240 23.89 15.76 22.74
C ARG B 240 23.96 15.49 21.23
N PHE B 241 23.22 16.30 20.46
CA PHE B 241 23.18 16.13 18.99
C PHE B 241 24.47 16.64 18.41
N PRO B 242 24.99 15.96 17.37
CA PRO B 242 26.24 16.44 16.78
C PRO B 242 26.13 17.79 16.07
N ASP B 243 27.26 18.49 15.96
CA ASP B 243 27.36 19.79 15.32
C ASP B 243 27.57 19.65 13.80
N TYR B 244 26.52 19.92 13.02
CA TYR B 244 26.62 19.81 11.55
C TYR B 244 27.78 20.62 10.96
N ARG B 245 28.13 21.72 11.62
CA ARG B 245 29.25 22.55 11.18
C ARG B 245 30.56 21.77 11.14
N ARG B 246 30.70 20.76 11.99
CA ARG B 246 31.92 19.98 12.04
C ARG B 246 31.94 18.85 11.03
N VAL B 247 30.78 18.50 10.47
CA VAL B 247 30.74 17.42 9.49
C VAL B 247 30.81 17.94 8.05
N LEU B 248 30.42 19.19 7.80
CA LEU B 248 30.56 19.75 6.46
C LEU B 248 32.05 19.71 6.09
N PRO B 249 32.37 19.27 4.86
CA PRO B 249 33.78 19.29 4.44
C PRO B 249 34.34 20.72 4.37
N LYS B 250 35.57 20.90 4.86
CA LYS B 250 36.19 22.22 4.99
C LYS B 250 36.33 22.94 3.64
N ASN B 251 36.95 22.25 2.68
CA ASN B 251 37.24 22.87 1.39
C ASN B 251 36.84 21.98 0.22
N PRO B 252 35.53 21.84 -0.02
CA PRO B 252 35.02 21.00 -1.09
C PRO B 252 35.11 21.74 -2.44
N ASP B 253 36.36 21.94 -2.87
CA ASP B 253 36.73 22.79 -4.00
C ASP B 253 36.32 22.26 -5.38
N LYS B 254 36.25 20.93 -5.54
CA LYS B 254 35.94 20.30 -6.82
C LYS B 254 34.43 20.17 -7.06
N HIS B 255 33.90 21.00 -7.95
CA HIS B 255 32.45 21.14 -8.16
C HIS B 255 31.98 20.53 -9.48
N LEU B 256 31.12 19.52 -9.37
CA LEU B 256 30.49 18.86 -10.49
C LEU B 256 29.00 19.21 -10.50
N GLU B 257 28.49 19.65 -11.64
CA GLU B 257 27.07 19.90 -11.80
C GLU B 257 26.51 18.91 -12.83
N ALA B 258 25.35 18.32 -12.52
CA ALA B 258 24.69 17.39 -13.44
C ALA B 258 23.19 17.53 -13.32
N GLY B 259 22.47 17.14 -14.36
CA GLY B 259 21.01 17.03 -14.29
C GLY B 259 20.61 15.99 -13.26
N CYS B 260 19.76 16.38 -12.32
CA CYS B 260 19.35 15.51 -11.20
C CYS B 260 18.73 14.20 -11.69
N ASP B 261 17.83 14.31 -12.66
CA ASP B 261 17.06 13.16 -13.15
C ASP B 261 17.95 12.15 -13.88
N LEU B 262 18.84 12.62 -14.75
CA LEU B 262 19.77 11.70 -15.42
C LEU B 262 20.73 11.08 -14.40
N LEU B 263 21.23 11.89 -13.47
CA LEU B 263 22.14 11.36 -12.43
C LEU B 263 21.46 10.26 -11.60
N LYS B 264 20.26 10.58 -11.12
CA LYS B 264 19.46 9.63 -10.38
C LYS B 264 19.20 8.32 -11.17
N GLN B 265 18.79 8.44 -12.43
CA GLN B 265 18.48 7.26 -13.25
CA GLN B 265 18.47 7.26 -13.24
C GLN B 265 19.72 6.38 -13.41
N ALA B 266 20.87 7.01 -13.58
CA ALA B 266 22.12 6.29 -13.74
C ALA B 266 22.54 5.56 -12.47
N PHE B 267 22.49 6.24 -11.33
CA PHE B 267 22.75 5.59 -10.05
C PHE B 267 21.75 4.45 -9.76
N ALA B 268 20.49 4.66 -10.15
CA ALA B 268 19.45 3.67 -9.89
C ALA B 268 19.70 2.39 -10.67
N ARG B 269 20.11 2.53 -11.94
CA ARG B 269 20.46 1.35 -12.74
C ARG B 269 21.71 0.64 -12.20
N ALA B 270 22.77 1.40 -11.95
CA ALA B 270 23.99 0.82 -11.40
C ALA B 270 23.77 0.12 -10.07
N ALA B 271 22.92 0.67 -9.22
CA ALA B 271 22.63 0.10 -7.90
C ALA B 271 22.16 -1.38 -7.95
N ILE B 272 21.54 -1.75 -9.06
CA ILE B 272 20.96 -3.08 -9.26
C ILE B 272 22.01 -4.17 -9.14
N LEU B 273 23.22 -3.86 -9.58
CA LEU B 273 24.34 -4.77 -9.52
C LEU B 273 25.37 -4.42 -8.43
N SER B 274 24.91 -3.68 -7.43
CA SER B 274 25.73 -3.38 -6.27
C SER B 274 25.50 -4.43 -5.19
N ASN B 275 26.47 -4.56 -4.30
CA ASN B 275 26.35 -5.46 -3.14
C ASN B 275 25.08 -5.14 -2.38
N GLU B 276 24.26 -6.16 -2.10
CA GLU B 276 22.93 -5.95 -1.53
C GLU B 276 22.97 -5.45 -0.10
N LYS B 277 24.04 -5.80 0.63
CA LYS B 277 24.25 -5.36 2.00
C LYS B 277 24.92 -3.99 2.05
N PHE B 278 26.03 -3.84 1.32
CA PHE B 278 26.90 -2.67 1.45
C PHE B 278 26.64 -1.58 0.38
N ARG B 279 26.04 -1.98 -0.73
CA ARG B 279 25.48 -1.03 -1.72
C ARG B 279 26.51 -0.04 -2.30
N GLY B 280 27.76 -0.49 -2.42
CA GLY B 280 28.85 0.36 -2.86
C GLY B 280 28.85 0.59 -4.36
N VAL B 281 28.96 1.85 -4.75
CA VAL B 281 29.28 2.20 -6.14
C VAL B 281 30.52 3.10 -6.19
N ARG B 282 31.20 3.09 -7.33
CA ARG B 282 32.40 3.90 -7.52
C ARG B 282 32.10 4.98 -8.54
N LEU B 283 32.50 6.21 -8.25
CA LEU B 283 32.40 7.33 -9.19
C LEU B 283 33.80 7.65 -9.69
N TYR B 284 33.95 7.80 -11.00
CA TYR B 284 35.18 8.29 -11.61
CA TYR B 284 35.20 8.33 -11.55
C TYR B 284 34.88 9.63 -12.22
N VAL B 285 35.43 10.70 -11.68
CA VAL B 285 35.15 12.03 -12.22
C VAL B 285 36.34 12.49 -13.07
N SER B 286 36.01 13.04 -14.24
CA SER B 286 36.99 13.55 -15.19
C SER B 286 36.36 14.72 -15.90
N GLU B 287 37.09 15.37 -16.82
CA GLU B 287 36.59 16.59 -17.45
C GLU B 287 35.23 16.35 -18.11
N ASN B 288 34.22 17.08 -17.63
CA ASN B 288 32.87 17.02 -18.16
C ASN B 288 32.27 15.62 -18.28
N GLN B 289 32.73 14.72 -17.42
CA GLN B 289 32.25 13.36 -17.46
C GLN B 289 32.24 12.68 -16.10
N LEU B 290 31.21 11.87 -15.89
CA LEU B 290 31.11 11.05 -14.71
C LEU B 290 30.91 9.61 -15.16
N LYS B 291 31.65 8.70 -14.53
CA LYS B 291 31.46 7.30 -14.79
C LYS B 291 31.09 6.65 -13.47
N ILE B 292 29.97 5.93 -13.48
CA ILE B 292 29.49 5.23 -12.30
C ILE B 292 29.65 3.73 -12.53
N THR B 293 30.34 3.03 -11.62
CA THR B 293 30.45 1.57 -11.69
C THR B 293 29.95 0.89 -10.43
N ALA B 294 29.42 -0.32 -10.59
CA ALA B 294 28.99 -1.16 -9.49
C ALA B 294 29.35 -2.60 -9.78
N ASN B 295 29.67 -3.35 -8.74
CA ASN B 295 29.73 -4.79 -8.85
C ASN B 295 29.41 -5.49 -7.53
N ASN B 296 29.18 -6.79 -7.60
CA ASN B 296 28.67 -7.54 -6.46
C ASN B 296 29.42 -8.84 -6.30
N PRO B 297 29.15 -9.60 -5.22
CA PRO B 297 29.89 -10.86 -5.03
C PRO B 297 29.71 -11.90 -6.14
N GLU B 298 28.62 -11.83 -6.90
CA GLU B 298 28.43 -12.73 -8.03
C GLU B 298 29.22 -12.31 -9.28
N GLN B 299 30.10 -11.32 -9.16
CA GLN B 299 30.91 -10.82 -10.29
C GLN B 299 30.09 -10.13 -11.38
N GLU B 300 28.90 -9.68 -11.05
CA GLU B 300 28.10 -8.92 -12.02
C GLU B 300 28.59 -7.49 -11.98
N GLU B 301 28.49 -6.78 -13.11
CA GLU B 301 29.03 -5.43 -13.22
C GLU B 301 28.14 -4.48 -13.99
N ALA B 302 28.00 -3.27 -13.45
CA ALA B 302 27.30 -2.19 -14.15
C ALA B 302 28.25 -1.04 -14.41
N GLU B 303 28.03 -0.33 -15.51
CA GLU B 303 28.77 0.90 -15.78
C GLU B 303 27.84 1.87 -16.46
N GLU B 304 27.86 3.12 -15.99
CA GLU B 304 27.11 4.22 -16.59
C GLU B 304 28.05 5.38 -16.85
N ILE B 305 27.94 5.97 -18.03
CA ILE B 305 28.69 7.18 -18.36
C ILE B 305 27.70 8.32 -18.58
N LEU B 306 27.98 9.47 -17.98
CA LEU B 306 27.15 10.68 -18.09
C LEU B 306 27.99 11.87 -18.43
N ASP B 307 27.43 12.79 -19.23
CA ASP B 307 28.05 14.10 -19.43
C ASP B 307 27.70 14.99 -18.25
N VAL B 308 28.70 15.67 -17.69
CA VAL B 308 28.44 16.62 -16.61
C VAL B 308 29.26 17.87 -16.86
N THR B 309 29.11 18.86 -16.00
CA THR B 309 29.97 20.02 -16.05
C THR B 309 30.98 19.85 -14.93
N TYR B 310 32.24 19.69 -15.32
CA TYR B 310 33.33 19.48 -14.36
C TYR B 310 34.68 19.78 -15.03
N SER B 311 35.50 20.57 -14.35
CA SER B 311 36.82 20.90 -14.91
C SER B 311 37.95 20.90 -13.86
N GLY B 312 37.76 20.23 -12.73
CA GLY B 312 38.84 20.03 -11.75
C GLY B 312 39.65 18.78 -12.03
N ALA B 313 40.45 18.36 -11.05
CA ALA B 313 41.29 17.19 -11.17
C ALA B 313 40.45 15.92 -11.10
N GLU B 314 40.97 14.87 -11.72
CA GLU B 314 40.26 13.62 -11.80
C GLU B 314 40.34 13.00 -10.44
N MET B 315 39.32 12.24 -10.10
CA MET B 315 39.35 11.46 -8.87
C MET B 315 38.34 10.30 -8.93
N GLU B 316 38.59 9.32 -8.08
CA GLU B 316 37.76 8.14 -7.93
C GLU B 316 37.28 8.09 -6.47
N ILE B 317 36.00 7.79 -6.26
CA ILE B 317 35.45 7.77 -4.90
C ILE B 317 34.26 6.79 -4.78
N GLY B 318 34.21 6.08 -3.65
CA GLY B 318 33.18 5.09 -3.39
C GLY B 318 32.11 5.66 -2.49
N PHE B 319 30.84 5.33 -2.78
CA PHE B 319 29.71 5.76 -1.97
C PHE B 319 28.67 4.66 -1.85
N ASN B 320 27.92 4.71 -0.76
CA ASN B 320 26.69 3.91 -0.64
C ASN B 320 25.65 4.52 -1.59
N VAL B 321 25.25 3.79 -2.64
CA VAL B 321 24.30 4.31 -3.63
C VAL B 321 22.92 4.62 -3.04
N SER B 322 22.50 3.87 -2.02
CA SER B 322 21.22 4.18 -1.34
C SER B 322 21.28 5.59 -0.73
N TYR B 323 22.37 5.92 -0.08
CA TYR B 323 22.52 7.26 0.52
C TYR B 323 22.49 8.36 -0.54
N VAL B 324 23.17 8.11 -1.65
CA VAL B 324 23.18 9.07 -2.77
C VAL B 324 21.80 9.20 -3.44
N LEU B 325 21.14 8.06 -3.66
CA LEU B 325 19.79 8.05 -4.19
C LEU B 325 18.79 8.77 -3.25
N ASP B 326 18.94 8.58 -1.95
CA ASP B 326 18.07 9.26 -0.96
C ASP B 326 18.16 10.77 -1.13
N VAL B 327 19.39 11.28 -1.33
CA VAL B 327 19.60 12.71 -1.51
C VAL B 327 18.97 13.20 -2.83
N LEU B 328 19.27 12.53 -3.93
CA LEU B 328 18.75 12.95 -5.23
C LEU B 328 17.22 12.93 -5.24
N ASN B 329 16.63 11.92 -4.61
CA ASN B 329 15.17 11.85 -4.49
C ASN B 329 14.58 12.91 -3.58
N ALA B 330 15.35 13.36 -2.58
CA ALA B 330 14.90 14.46 -1.71
C ALA B 330 15.02 15.81 -2.40
N LEU B 331 15.95 15.93 -3.34
CA LEU B 331 16.19 17.23 -3.98
C LEU B 331 15.07 17.63 -4.95
N LYS B 332 14.60 16.73 -5.79
CA LYS B 332 13.49 17.05 -6.68
C LYS B 332 13.71 18.43 -7.36
N CYS B 333 14.82 18.54 -8.08
CA CYS B 333 15.20 19.78 -8.76
C CYS B 333 15.88 19.48 -10.09
N GLU B 334 16.21 20.52 -10.85
CA GLU B 334 16.71 20.32 -12.19
C GLU B 334 18.16 19.85 -12.21
N ASN B 335 19.03 20.59 -11.53
CA ASN B 335 20.45 20.29 -11.50
C ASN B 335 20.97 20.14 -10.09
N VAL B 336 21.95 19.28 -9.94
CA VAL B 336 22.55 19.04 -8.63
C VAL B 336 24.00 19.47 -8.71
N ARG B 337 24.55 19.93 -7.59
CA ARG B 337 25.97 20.22 -7.46
C ARG B 337 26.55 19.24 -6.45
N MET B 338 27.60 18.52 -6.86
CA MET B 338 28.34 17.65 -5.95
C MET B 338 29.67 18.32 -5.68
N MET B 339 29.99 18.46 -4.39
CA MET B 339 31.15 19.20 -3.96
C MET B 339 32.13 18.21 -3.31
N LEU B 340 33.22 17.95 -4.03
CA LEU B 340 34.15 16.89 -3.71
C LEU B 340 35.50 17.44 -3.24
N THR B 341 36.24 16.62 -2.50
CA THR B 341 37.57 16.99 -2.03
C THR B 341 38.56 15.95 -2.55
N ASP B 342 38.42 14.72 -2.08
CA ASP B 342 39.28 13.62 -2.50
C ASP B 342 38.62 12.28 -2.17
N SER B 343 39.36 11.19 -2.38
CA SER B 343 38.81 9.84 -2.28
C SER B 343 38.53 9.41 -0.85
N VAL B 344 39.12 10.10 0.13
CA VAL B 344 38.92 9.73 1.54
C VAL B 344 38.04 10.72 2.32
N SER B 345 37.43 11.68 1.61
CA SER B 345 36.62 12.70 2.26
C SER B 345 35.16 12.63 1.81
N SER B 346 34.28 13.21 2.62
CA SER B 346 32.86 13.21 2.34
C SER B 346 32.57 14.05 1.11
N VAL B 347 31.40 13.82 0.52
CA VAL B 347 30.87 14.71 -0.51
C VAL B 347 29.72 15.57 0.03
N GLN B 348 29.63 16.83 -0.43
CA GLN B 348 28.50 17.70 -0.09
C GLN B 348 27.68 17.87 -1.37
N ILE B 349 26.37 17.67 -1.25
CA ILE B 349 25.47 17.72 -2.37
C ILE B 349 24.44 18.78 -2.08
N GLU B 350 24.10 19.51 -3.12
CA GLU B 350 23.16 20.62 -3.01
CA GLU B 350 23.20 20.65 -3.02
C GLU B 350 22.44 20.75 -4.34
N ASP B 351 21.22 21.28 -4.29
CA ASP B 351 20.52 21.75 -5.48
C ASP B 351 21.44 22.83 -6.06
N ALA B 352 21.79 22.76 -7.34
CA ALA B 352 22.67 23.79 -7.95
C ALA B 352 22.12 25.20 -7.80
N ALA B 353 20.80 25.32 -7.71
CA ALA B 353 20.09 26.59 -7.67
C ALA B 353 19.88 27.19 -6.27
N SER B 354 20.15 26.42 -5.22
CA SER B 354 19.84 26.84 -3.84
C SER B 354 20.77 26.19 -2.81
N GLN B 355 21.32 26.99 -1.91
CA GLN B 355 22.13 26.48 -0.80
C GLN B 355 21.33 26.25 0.49
N SER B 356 20.01 26.40 0.44
CA SER B 356 19.20 26.31 1.66
C SER B 356 19.14 24.89 2.26
N ALA B 357 19.50 23.86 1.48
CA ALA B 357 19.72 22.50 2.03
C ALA B 357 21.07 21.97 1.57
N ALA B 358 21.76 21.25 2.46
CA ALA B 358 23.01 20.58 2.12
C ALA B 358 22.99 19.15 2.65
N TYR B 359 23.61 18.25 1.90
CA TYR B 359 23.67 16.83 2.26
C TYR B 359 25.11 16.39 2.25
N VAL B 360 25.52 15.67 3.28
CA VAL B 360 26.90 15.20 3.43
C VAL B 360 26.84 13.69 3.51
N VAL B 361 27.65 13.04 2.69
CA VAL B 361 27.69 11.60 2.62
C VAL B 361 29.15 11.19 2.74
N MET B 362 29.43 10.27 3.65
CA MET B 362 30.77 9.75 3.81
C MET B 362 31.07 8.73 2.74
N PRO B 363 32.33 8.66 2.29
CA PRO B 363 32.72 7.67 1.30
C PRO B 363 32.87 6.32 1.94
N MET B 364 33.00 5.28 1.14
CA MET B 364 33.23 3.94 1.66
C MET B 364 34.70 3.55 1.64
#